data_8WFA
#
_entry.id   8WFA
#
_cell.length_a   1.00
_cell.length_b   1.00
_cell.length_c   1.00
_cell.angle_alpha   90.00
_cell.angle_beta   90.00
_cell.angle_gamma   90.00
#
_symmetry.space_group_name_H-M   'P 1'
#
loop_
_entity.id
_entity.type
_entity.pdbx_description
1 polymer PspCas13b
2 polymer crRNA
3 polymer 'target RNA'
4 non-polymer 'MAGNESIUM ION'
#
loop_
_entity_poly.entity_id
_entity_poly.type
_entity_poly.pdbx_seq_one_letter_code
_entity_poly.pdbx_strand_id
1 'polypeptide(L)'
;MNIPALVENQKKYFGTYSVMAMLNAQTVLDHIQKVADIEGEQNENNENLWFHPVMSHLYNAKNGYDKQPEKTMFIIERLQ
SYFPFLKIMAENQREYSNGKYKQNRVEVNSNDIFEVLKRAFGVLKMYRDLTNAYKTYEEKLNDGCEFLTSTEQPLSGMIN
NYYTVALRNMNERYGYKTEDLAFIQDKRFKFVKDAYGKKKSQVNTGFFLSLQDYNGDTQKKLHLSGVGIALLICLFLDKQ
YINIFLSRLPIFSSYNAQSEERRIIIRSFGINSIKLPKDRIHSEKSNKSVAMDMLNEVKRCPDELFTTLSAEKQSRFRII
SDDHNEVLMKRSSDRFVPLLLQYIDYGKLFDHIRFHVNMGKLRYLLKADKTCIDGQTRVRVIEQPLNGFGRLEEAETMRK
QENGTFGNSGIRIRDFENMKRDDANPANYPYIVDTYTHYILENNKVEMFINDKEDSAPLLPVIEDDRYVVKTIPSCRMST
LEIPAMAFHMFLFGSKKTEKLIVDVHNRYKRLFQAMQKEEVTAENIASFGIAESDLPQKILDLISGNAHGKDVDAFIRLT
VDDMLTDTERRIKRFKDDRKSIRSADNKMGKRGFKQISTGKLADFLAKDIVLFQPSVNDGENKITGLNYRIMQSAIAVYD
SGDDYEAKQQFKLMFEKARLIGKGTTEPHPFLYKVFARSIPANAVEFYERYLIERKFYLTGLSNEIKKGNRVDVPFIRRD
QNKWKTPAMKTLGRIYSEDLPVELPRQMFDNEIKSHLKSLPQMEGIDFNNANVTYLIAEYMKRVLDDDFQTFYQWNRNYR
YMDMLKGEYDRKGSLQHCFTSVEEREGLWKERASRTERYRKQASNKIRSNRQMRNASSEEIETILDKRLSNSRNEYQKSE
KVIRRYRVQDALLFLLAKKTLTELADFDGERFKLKEIMPDAEKGILSEIMPMSFTFEKGGKKYTITSEGMKLKNYGDFFV
LASDKRIGNLLELVGSDIVSKEDIMEEFNKYDQCRPEISSIVFNLEKWAFDTYPELSARVDREEKVDFKSILKILLNNKN
INKEQSDILRKIRNAFDANNYPDKGVVEIKALPEIAMSIKKAFGEYAIMKGSLQ
;
A
2 'polyribonucleotide' UCUAAACCAUCCUGCGGCCUCUACUCUGCAGUUGUGGAAGGUCCAGUUUUGAGGGGCUAUUACAAC B
3 'polyribonucleotide' GAAUGCAGAGUAGAGGCCGCAGGAUGGUUUAGAACA C
#
loop_
_chem_comp.id
_chem_comp.type
_chem_comp.name
_chem_comp.formula
A RNA linking ADENOSINE-5'-MONOPHOSPHATE 'C10 H14 N5 O7 P'
C RNA linking CYTIDINE-5'-MONOPHOSPHATE 'C9 H14 N3 O8 P'
G RNA linking GUANOSINE-5'-MONOPHOSPHATE 'C10 H14 N5 O8 P'
MG non-polymer 'MAGNESIUM ION' 'Mg 2'
U RNA linking URIDINE-5'-MONOPHOSPHATE 'C9 H13 N2 O9 P'
#
# COMPACT_ATOMS: atom_id res chain seq x y z
N MET A 1 -39.41 25.71 -34.59
CA MET A 1 -39.14 24.42 -33.92
C MET A 1 -40.03 24.31 -32.69
N ASN A 2 -40.66 23.15 -32.50
CA ASN A 2 -41.56 22.93 -31.37
C ASN A 2 -40.79 22.31 -30.20
N ILE A 3 -41.21 22.65 -28.97
CA ILE A 3 -40.68 22.01 -27.78
C ILE A 3 -41.07 20.54 -27.84
N PRO A 4 -40.14 19.56 -27.70
CA PRO A 4 -40.52 18.15 -27.68
C PRO A 4 -41.65 17.82 -26.71
N ALA A 5 -42.58 16.95 -27.14
CA ALA A 5 -43.76 16.60 -26.35
C ALA A 5 -43.38 16.00 -25.00
N LEU A 6 -42.31 15.20 -24.97
CA LEU A 6 -41.83 14.64 -23.71
C LEU A 6 -41.56 15.78 -22.72
N VAL A 7 -40.92 16.84 -23.20
CA VAL A 7 -40.57 17.98 -22.36
C VAL A 7 -41.88 18.65 -21.93
N GLU A 8 -42.80 18.88 -22.87
CA GLU A 8 -44.04 19.58 -22.55
C GLU A 8 -44.89 18.77 -21.57
N ASN A 9 -44.85 17.43 -21.66
CA ASN A 9 -45.68 16.56 -20.83
C ASN A 9 -45.05 16.27 -19.46
N GLN A 10 -43.75 16.53 -19.31
CA GLN A 10 -43.05 16.24 -18.07
C GLN A 10 -42.37 17.51 -17.56
N LYS A 11 -43.05 18.64 -17.78
CA LYS A 11 -42.45 19.96 -17.62
C LYS A 11 -41.94 20.16 -16.19
N LYS A 12 -42.70 19.70 -15.19
CA LYS A 12 -42.31 19.88 -13.80
C LYS A 12 -41.02 19.13 -13.49
N TYR A 13 -40.74 18.01 -14.18
CA TYR A 13 -39.50 17.28 -13.94
C TYR A 13 -38.35 17.92 -14.70
N PHE A 14 -38.59 18.37 -15.93
CA PHE A 14 -37.54 19.03 -16.70
C PHE A 14 -37.20 20.36 -16.04
N GLY A 15 -38.24 21.08 -15.59
CA GLY A 15 -38.06 22.31 -14.84
C GLY A 15 -37.14 22.11 -13.64
N THR A 16 -37.48 21.13 -12.80
CA THR A 16 -36.74 20.89 -11.57
C THR A 16 -35.27 20.57 -11.89
N TYR A 17 -35.03 19.63 -12.82
CA TYR A 17 -33.70 19.05 -12.94
C TYR A 17 -32.84 19.92 -13.87
N SER A 18 -33.46 20.71 -14.76
CA SER A 18 -32.69 21.68 -15.52
C SER A 18 -32.07 22.71 -14.55
N VAL A 19 -32.85 23.22 -13.60
CA VAL A 19 -32.35 24.13 -12.59
C VAL A 19 -31.22 23.47 -11.79
N MET A 20 -31.42 22.23 -11.36
CA MET A 20 -30.38 21.52 -10.63
C MET A 20 -29.13 21.40 -11.51
N ALA A 21 -29.30 21.14 -12.82
CA ALA A 21 -28.16 20.97 -13.71
C ALA A 21 -27.35 22.26 -13.79
N MET A 22 -28.02 23.40 -14.00
CA MET A 22 -27.33 24.67 -14.11
C MET A 22 -26.66 25.05 -12.78
N LEU A 23 -27.26 24.72 -11.62
CA LEU A 23 -26.64 25.08 -10.35
C LEU A 23 -25.37 24.25 -10.17
N ASN A 24 -25.45 22.94 -10.42
CA ASN A 24 -24.27 22.10 -10.34
C ASN A 24 -23.12 22.62 -11.19
N ALA A 25 -23.40 23.10 -12.40
CA ALA A 25 -22.36 23.62 -13.30
C ALA A 25 -21.70 24.84 -12.66
N GLN A 26 -22.53 25.77 -12.17
CA GLN A 26 -22.04 27.00 -11.57
C GLN A 26 -21.16 26.66 -10.36
N THR A 27 -21.56 25.64 -9.60
CA THR A 27 -20.81 25.22 -8.42
C THR A 27 -19.39 24.87 -8.82
N VAL A 28 -19.22 24.05 -9.87
CA VAL A 28 -17.91 23.64 -10.35
C VAL A 28 -17.13 24.89 -10.80
N LEU A 29 -17.77 25.73 -11.60
CA LEU A 29 -17.09 26.91 -12.11
C LEU A 29 -16.62 27.78 -10.95
N ASP A 30 -17.50 27.99 -9.95
CA ASP A 30 -17.14 28.76 -8.77
C ASP A 30 -15.97 28.13 -8.02
N HIS A 31 -15.94 26.80 -7.88
CA HIS A 31 -14.88 26.14 -7.15
C HIS A 31 -13.53 26.43 -7.81
N ILE A 32 -13.50 26.27 -9.14
CA ILE A 32 -12.27 26.41 -9.90
C ILE A 32 -11.76 27.84 -9.77
N GLN A 33 -12.67 28.83 -9.89
CA GLN A 33 -12.31 30.23 -9.70
C GLN A 33 -11.59 30.41 -8.36
N LYS A 34 -12.21 29.94 -7.26
CA LYS A 34 -11.68 30.13 -5.92
C LYS A 34 -10.28 29.53 -5.77
N VAL A 35 -10.14 28.25 -6.16
CA VAL A 35 -8.90 27.51 -5.95
C VAL A 35 -7.79 28.15 -6.80
N ALA A 36 -8.12 28.67 -7.99
CA ALA A 36 -7.11 29.23 -8.89
C ALA A 36 -6.90 30.73 -8.68
N ASP A 37 -7.69 31.38 -7.81
CA ASP A 37 -7.67 32.84 -7.68
C ASP A 37 -7.81 33.51 -9.05
N ILE A 38 -8.88 33.19 -9.81
CA ILE A 38 -9.18 33.93 -11.03
C ILE A 38 -9.86 35.26 -10.63
N ASN A 48 -26.03 32.77 -17.61
CA ASN A 48 -25.05 33.10 -18.68
C ASN A 48 -23.67 32.61 -18.26
N LEU A 49 -23.56 31.28 -18.10
CA LEU A 49 -22.40 30.67 -17.50
C LEU A 49 -21.16 30.78 -18.37
N TRP A 50 -21.33 31.04 -19.67
CA TRP A 50 -20.18 31.20 -20.55
C TRP A 50 -19.54 32.58 -20.37
N PHE A 51 -20.13 33.46 -19.55
CA PHE A 51 -19.44 34.68 -19.14
C PHE A 51 -18.84 34.57 -17.73
N HIS A 52 -18.80 33.37 -17.15
CA HIS A 52 -18.20 33.19 -15.84
C HIS A 52 -16.69 33.51 -15.94
N PRO A 53 -16.06 34.17 -14.95
CA PRO A 53 -14.61 34.37 -14.94
C PRO A 53 -13.76 33.20 -15.43
N VAL A 54 -14.09 31.96 -15.03
CA VAL A 54 -13.36 30.78 -15.46
C VAL A 54 -13.54 30.57 -16.98
N MET A 55 -14.74 30.85 -17.50
CA MET A 55 -15.02 30.65 -18.93
C MET A 55 -14.47 31.81 -19.76
N SER A 56 -14.55 33.04 -19.23
CA SER A 56 -13.89 34.18 -19.87
C SER A 56 -12.40 33.91 -20.03
N HIS A 57 -11.75 33.38 -18.98
CA HIS A 57 -10.33 33.10 -19.03
C HIS A 57 -10.02 32.27 -20.27
N LEU A 58 -10.74 31.15 -20.45
CA LEU A 58 -10.55 30.28 -21.60
C LEU A 58 -10.81 31.03 -22.90
N TYR A 59 -11.93 31.76 -22.96
CA TYR A 59 -12.22 32.52 -24.15
C TYR A 59 -11.02 33.37 -24.57
N ASN A 60 -10.36 34.03 -23.62
CA ASN A 60 -9.29 34.97 -23.95
C ASN A 60 -7.91 34.31 -23.97
N ALA A 61 -7.83 32.98 -23.77
CA ALA A 61 -6.57 32.35 -23.40
C ALA A 61 -5.63 32.28 -24.61
N LYS A 62 -6.18 32.25 -25.84
CA LYS A 62 -5.36 32.27 -27.05
C LYS A 62 -5.46 33.61 -27.78
N ASN A 63 -5.78 34.70 -27.07
CA ASN A 63 -5.68 36.06 -27.61
C ASN A 63 -4.25 36.56 -27.39
N GLY A 64 -3.33 36.12 -28.26
CA GLY A 64 -1.92 36.44 -28.11
C GLY A 64 -1.23 35.49 -27.13
N TYR A 65 0.00 35.82 -26.76
CA TYR A 65 0.83 34.94 -25.93
C TYR A 65 0.28 34.94 -24.51
N ASP A 66 0.05 33.74 -23.95
CA ASP A 66 -0.64 33.59 -22.68
C ASP A 66 0.22 34.15 -21.56
N LYS A 67 -0.35 35.05 -20.75
CA LYS A 67 0.34 35.65 -19.63
C LYS A 67 0.13 34.85 -18.32
N GLN A 68 -0.82 33.90 -18.30
CA GLN A 68 -1.08 33.12 -17.11
C GLN A 68 -1.20 31.65 -17.49
N PRO A 69 -0.13 31.03 -18.05
CA PRO A 69 -0.23 29.65 -18.52
C PRO A 69 -0.54 28.66 -17.41
N GLU A 70 -0.02 28.94 -16.21
CA GLU A 70 -0.23 28.05 -15.07
C GLU A 70 -1.73 28.03 -14.74
N LYS A 71 -2.43 29.18 -14.87
CA LYS A 71 -3.86 29.23 -14.58
C LYS A 71 -4.64 28.54 -15.69
N THR A 72 -4.35 28.88 -16.95
CA THR A 72 -4.99 28.21 -18.09
C THR A 72 -4.93 26.70 -17.93
N MET A 73 -3.74 26.15 -17.68
CA MET A 73 -3.57 24.71 -17.61
C MET A 73 -4.34 24.13 -16.43
N PHE A 74 -4.36 24.84 -15.30
CA PHE A 74 -5.16 24.37 -14.18
C PHE A 74 -6.64 24.27 -14.56
N ILE A 75 -7.18 25.32 -15.18
CA ILE A 75 -8.60 25.37 -15.55
C ILE A 75 -8.91 24.20 -16.48
N ILE A 76 -8.07 23.97 -17.51
CA ILE A 76 -8.30 22.91 -18.48
C ILE A 76 -8.30 21.55 -17.78
N GLU A 77 -7.38 21.34 -16.83
CA GLU A 77 -7.25 20.03 -16.18
C GLU A 77 -8.45 19.75 -15.27
N ARG A 78 -8.87 20.75 -14.46
N ARG A 78 -8.85 20.75 -14.45
CA ARG A 78 -9.88 20.57 -13.44
CA ARG A 78 -9.88 20.57 -13.44
C ARG A 78 -11.27 20.46 -14.08
C ARG A 78 -11.27 20.45 -14.08
N LEU A 79 -11.51 21.23 -15.15
CA LEU A 79 -12.75 21.13 -15.93
C LEU A 79 -12.93 19.69 -16.42
N GLN A 80 -11.85 19.02 -16.83
CA GLN A 80 -11.96 17.66 -17.33
C GLN A 80 -12.12 16.66 -16.19
N SER A 81 -11.70 17.02 -14.97
CA SER A 81 -11.94 16.18 -13.80
C SER A 81 -13.40 16.24 -13.38
N TYR A 82 -13.96 17.46 -13.29
CA TYR A 82 -15.30 17.65 -12.74
C TYR A 82 -16.35 17.33 -13.79
N PHE A 83 -16.04 17.57 -15.07
CA PHE A 83 -16.93 17.24 -16.18
C PHE A 83 -16.30 16.14 -17.04
N PRO A 84 -16.37 14.83 -16.68
CA PRO A 84 -15.71 13.78 -17.45
C PRO A 84 -16.12 13.63 -18.93
N PHE A 85 -17.33 14.07 -19.27
CA PHE A 85 -17.80 13.99 -20.65
C PHE A 85 -17.02 14.95 -21.55
N LEU A 86 -16.31 15.93 -20.96
CA LEU A 86 -15.64 16.98 -21.72
C LEU A 86 -14.43 16.45 -22.49
N LYS A 87 -13.78 15.38 -21.99
CA LYS A 87 -12.71 14.70 -22.69
C LYS A 87 -13.20 14.19 -24.05
N ILE A 88 -14.37 13.53 -24.08
CA ILE A 88 -14.93 12.99 -25.31
C ILE A 88 -15.33 14.13 -26.24
N MET A 89 -16.06 15.12 -25.70
CA MET A 89 -16.66 16.13 -26.55
C MET A 89 -15.60 17.08 -27.11
N ALA A 90 -14.54 17.33 -26.34
CA ALA A 90 -13.46 18.21 -26.77
C ALA A 90 -12.67 17.54 -27.90
N GLU A 91 -12.47 16.22 -27.78
CA GLU A 91 -11.86 15.44 -28.83
C GLU A 91 -12.68 15.52 -30.11
N ASN A 92 -14.02 15.41 -30.03
CA ASN A 92 -14.86 15.54 -31.21
C ASN A 92 -14.80 16.97 -31.77
N GLN A 93 -14.62 17.98 -30.91
CA GLN A 93 -14.59 19.37 -31.34
C GLN A 93 -13.30 19.69 -32.10
N ARG A 94 -12.17 19.09 -31.69
CA ARG A 94 -10.93 19.17 -32.44
C ARG A 94 -11.14 18.65 -33.85
N GLU A 95 -11.65 17.41 -33.97
CA GLU A 95 -11.87 16.77 -35.27
C GLU A 95 -12.80 17.65 -36.12
N TYR A 96 -13.82 18.24 -35.49
CA TYR A 96 -14.74 19.12 -36.19
C TYR A 96 -14.01 20.32 -36.79
N SER A 97 -13.21 21.02 -35.97
CA SER A 97 -12.53 22.25 -36.38
C SER A 97 -11.55 21.97 -37.52
N ASN A 98 -10.80 20.88 -37.40
CA ASN A 98 -9.91 20.44 -38.47
C ASN A 98 -10.67 20.36 -39.78
N GLY A 99 -11.88 19.78 -39.76
CA GLY A 99 -12.77 19.81 -40.90
C GLY A 99 -13.03 21.24 -41.37
N LYS A 100 -13.59 22.07 -40.47
CA LYS A 100 -14.11 23.38 -40.82
C LYS A 100 -13.02 24.25 -41.43
N TYR A 101 -11.85 24.33 -40.77
CA TYR A 101 -10.78 25.23 -41.15
C TYR A 101 -9.67 24.50 -41.93
N LYS A 102 -9.91 23.25 -42.36
CA LYS A 102 -8.98 22.49 -43.18
C LYS A 102 -7.61 22.45 -42.52
N GLN A 103 -7.58 22.02 -41.23
CA GLN A 103 -6.38 22.00 -40.41
C GLN A 103 -6.09 20.55 -40.01
N ASN A 104 -4.94 20.32 -39.35
CA ASN A 104 -4.56 19.00 -38.85
C ASN A 104 -4.08 19.09 -37.41
N ARG A 105 -4.63 20.03 -36.64
CA ARG A 105 -4.27 20.14 -35.23
C ARG A 105 -4.48 18.78 -34.58
N VAL A 106 -3.41 18.25 -33.96
CA VAL A 106 -3.41 16.88 -33.42
C VAL A 106 -3.84 16.90 -31.95
N GLU A 107 -3.95 18.07 -31.33
CA GLU A 107 -4.09 18.15 -29.88
C GLU A 107 -5.26 19.05 -29.50
N VAL A 108 -5.92 18.70 -28.37
CA VAL A 108 -7.05 19.45 -27.84
C VAL A 108 -6.49 20.70 -27.16
N ASN A 109 -7.16 21.85 -27.36
CA ASN A 109 -6.76 23.10 -26.74
C ASN A 109 -7.97 23.79 -26.12
N SER A 110 -7.70 24.92 -25.43
CA SER A 110 -8.71 25.69 -24.72
C SER A 110 -9.86 26.15 -25.61
N ASN A 111 -9.64 26.36 -26.91
CA ASN A 111 -10.76 26.75 -27.78
C ASN A 111 -11.76 25.59 -27.84
N ASP A 112 -11.27 24.35 -27.95
CA ASP A 112 -12.19 23.21 -27.99
C ASP A 112 -13.05 23.20 -26.74
N ILE A 113 -12.39 23.32 -25.58
CA ILE A 113 -13.07 23.18 -24.31
C ILE A 113 -14.10 24.31 -24.20
N PHE A 114 -13.70 25.52 -24.56
CA PHE A 114 -14.62 26.66 -24.46
C PHE A 114 -15.86 26.41 -25.32
N GLU A 115 -15.68 25.92 -26.55
CA GLU A 115 -16.78 25.82 -27.50
C GLU A 115 -17.79 24.75 -27.06
N VAL A 116 -17.27 23.61 -26.61
CA VAL A 116 -18.13 22.55 -26.11
C VAL A 116 -19.02 23.15 -25.02
N LEU A 117 -18.41 23.79 -24.00
CA LEU A 117 -19.14 24.19 -22.81
C LEU A 117 -20.04 25.40 -23.12
N LYS A 118 -19.63 26.31 -24.01
CA LYS A 118 -20.49 27.41 -24.40
C LYS A 118 -21.83 26.86 -24.92
N ARG A 119 -21.77 25.83 -25.78
CA ARG A 119 -22.96 25.29 -26.42
C ARG A 119 -23.82 24.52 -25.42
N ALA A 120 -23.18 23.64 -24.65
CA ALA A 120 -23.88 22.88 -23.63
C ALA A 120 -24.63 23.81 -22.69
N PHE A 121 -23.95 24.86 -22.19
CA PHE A 121 -24.54 25.78 -21.24
C PHE A 121 -25.67 26.58 -21.91
N GLY A 122 -25.48 26.95 -23.18
CA GLY A 122 -26.44 27.78 -23.89
C GLY A 122 -27.78 27.09 -24.08
N VAL A 123 -27.74 25.81 -24.46
CA VAL A 123 -28.94 25.02 -24.67
C VAL A 123 -29.56 24.67 -23.32
N LEU A 124 -28.74 24.30 -22.33
CA LEU A 124 -29.24 24.04 -21.00
C LEU A 124 -30.01 25.25 -20.48
N LYS A 125 -29.43 26.45 -20.60
CA LYS A 125 -30.09 27.67 -20.15
C LYS A 125 -31.42 27.86 -20.86
N MET A 126 -31.45 27.60 -22.18
CA MET A 126 -32.67 27.80 -22.93
C MET A 126 -33.78 26.93 -22.35
N TYR A 127 -33.53 25.62 -22.19
CA TYR A 127 -34.54 24.70 -21.73
C TYR A 127 -34.88 24.97 -20.26
N ARG A 128 -33.89 25.35 -19.44
CA ARG A 128 -34.21 25.81 -18.10
C ARG A 128 -35.28 26.90 -18.15
N ASP A 129 -35.11 27.93 -19.01
CA ASP A 129 -36.05 29.04 -19.03
C ASP A 129 -37.45 28.60 -19.49
N LEU A 130 -37.54 27.76 -20.54
CA LEU A 130 -38.83 27.34 -21.07
C LEU A 130 -39.61 26.48 -20.07
N THR A 131 -38.92 25.59 -19.34
CA THR A 131 -39.58 24.62 -18.48
C THR A 131 -39.90 25.22 -17.11
N ASN A 132 -39.33 26.38 -16.75
CA ASN A 132 -39.61 27.01 -15.46
C ASN A 132 -40.49 28.25 -15.62
N ALA A 133 -41.29 28.31 -16.70
CA ALA A 133 -42.16 29.45 -16.97
C ALA A 133 -43.49 28.96 -17.55
N TYR A 134 -44.61 29.50 -17.07
CA TYR A 134 -45.92 29.07 -17.56
C TYR A 134 -46.03 29.39 -19.05
N LYS A 135 -45.67 30.62 -19.44
CA LYS A 135 -45.70 31.02 -20.84
C LYS A 135 -44.59 32.04 -21.09
N THR A 136 -43.64 31.67 -21.97
CA THR A 136 -42.68 32.58 -22.57
C THR A 136 -42.52 32.18 -24.03
N TYR A 137 -42.97 33.04 -24.96
CA TYR A 137 -42.67 32.89 -26.37
C TYR A 137 -41.21 33.30 -26.59
N GLU A 138 -40.38 32.34 -27.01
CA GLU A 138 -38.93 32.53 -27.06
C GLU A 138 -38.49 32.63 -28.53
N GLU A 139 -37.71 33.68 -28.83
CA GLU A 139 -37.21 33.94 -30.17
C GLU A 139 -36.30 32.81 -30.64
N LYS A 140 -35.56 32.19 -29.70
CA LYS A 140 -34.54 31.20 -30.02
C LYS A 140 -35.12 29.92 -30.64
N LEU A 141 -36.45 29.73 -30.58
CA LEU A 141 -37.07 28.55 -31.18
C LEU A 141 -37.45 28.79 -32.64
N ASN A 142 -37.40 30.05 -33.12
CA ASN A 142 -37.75 30.35 -34.50
C ASN A 142 -36.81 29.61 -35.44
N ASP A 143 -37.40 28.88 -36.42
CA ASP A 143 -36.63 28.09 -37.36
C ASP A 143 -35.63 28.97 -38.10
N GLY A 144 -34.41 28.44 -38.27
CA GLY A 144 -33.38 29.09 -39.06
C GLY A 144 -32.69 30.25 -38.33
N CYS A 145 -33.01 30.46 -37.04
CA CYS A 145 -32.45 31.58 -36.29
C CYS A 145 -30.99 31.28 -35.94
N GLU A 146 -30.27 32.31 -35.45
CA GLU A 146 -28.86 32.21 -35.12
C GLU A 146 -28.66 31.17 -34.00
N PHE A 147 -29.49 31.23 -32.95
CA PHE A 147 -29.33 30.35 -31.80
C PHE A 147 -29.36 28.88 -32.27
N LEU A 148 -30.34 28.55 -33.12
CA LEU A 148 -30.48 27.19 -33.61
C LEU A 148 -29.29 26.82 -34.49
N THR A 149 -28.92 27.69 -35.44
CA THR A 149 -27.90 27.37 -36.42
C THR A 149 -26.51 27.30 -35.78
N SER A 150 -26.22 28.21 -34.83
CA SER A 150 -24.88 28.36 -34.26
C SER A 150 -24.66 27.47 -33.04
N THR A 151 -25.71 27.23 -32.23
CA THR A 151 -25.53 26.63 -30.91
C THR A 151 -26.30 25.31 -30.82
N GLU A 152 -27.63 25.33 -31.02
CA GLU A 152 -28.47 24.19 -30.68
C GLU A 152 -28.24 23.04 -31.65
N GLN A 153 -28.27 23.30 -32.97
CA GLN A 153 -28.14 22.23 -33.94
C GLN A 153 -26.74 21.63 -33.88
N PRO A 154 -25.62 22.40 -33.81
CA PRO A 154 -24.33 21.78 -33.54
C PRO A 154 -24.32 20.91 -32.29
N LEU A 155 -25.01 21.34 -31.22
CA LEU A 155 -24.95 20.60 -29.96
C LEU A 155 -25.62 19.24 -30.13
N SER A 156 -26.74 19.18 -30.88
CA SER A 156 -27.45 17.92 -31.05
C SER A 156 -26.54 16.88 -31.71
N GLY A 157 -25.74 17.29 -32.70
CA GLY A 157 -24.81 16.39 -33.37
C GLY A 157 -23.68 15.97 -32.44
N MET A 158 -23.17 16.93 -31.66
CA MET A 158 -22.15 16.65 -30.66
C MET A 158 -22.66 15.60 -29.67
N ILE A 159 -23.89 15.79 -29.13
CA ILE A 159 -24.46 14.90 -28.14
C ILE A 159 -24.59 13.50 -28.75
N ASN A 160 -25.07 13.43 -29.99
CA ASN A 160 -25.20 12.15 -30.67
C ASN A 160 -23.83 11.47 -30.83
N ASN A 161 -22.78 12.22 -31.16
CA ASN A 161 -21.45 11.61 -31.28
C ASN A 161 -20.89 11.26 -29.91
N TYR A 162 -21.21 12.06 -28.89
CA TYR A 162 -20.80 11.76 -27.53
C TYR A 162 -21.35 10.38 -27.13
N TYR A 163 -22.62 10.10 -27.47
CA TYR A 163 -23.28 8.89 -27.01
C TYR A 163 -22.63 7.67 -27.68
N THR A 164 -22.20 7.76 -28.95
CA THR A 164 -21.45 6.66 -29.55
C THR A 164 -20.34 6.20 -28.62
N VAL A 165 -19.57 7.15 -28.05
CA VAL A 165 -18.41 6.81 -27.24
C VAL A 165 -18.87 6.35 -25.86
N ALA A 166 -19.88 7.01 -25.30
CA ALA A 166 -20.40 6.61 -24.00
C ALA A 166 -20.81 5.14 -24.02
N LEU A 167 -21.47 4.66 -25.08
CA LEU A 167 -21.85 3.26 -25.15
C LEU A 167 -20.61 2.36 -25.25
N ARG A 168 -19.55 2.80 -25.93
CA ARG A 168 -18.31 2.04 -25.94
C ARG A 168 -17.76 1.93 -24.51
N ASN A 169 -17.86 3.01 -23.73
CA ASN A 169 -17.37 3.00 -22.35
C ASN A 169 -18.16 2.04 -21.45
N MET A 170 -19.41 1.74 -21.82
CA MET A 170 -20.23 0.80 -21.06
C MET A 170 -19.56 -0.57 -20.99
N ASN A 171 -18.96 -1.04 -22.09
CA ASN A 171 -18.27 -2.32 -22.12
C ASN A 171 -17.15 -2.33 -21.06
N GLU A 172 -16.28 -1.32 -21.06
CA GLU A 172 -15.18 -1.25 -20.13
C GLU A 172 -15.70 -1.23 -18.68
N ARG A 173 -16.71 -0.38 -18.41
CA ARG A 173 -17.09 0.00 -17.05
C ARG A 173 -17.94 -1.08 -16.38
N TYR A 174 -18.83 -1.74 -17.13
CA TYR A 174 -19.74 -2.72 -16.54
C TYR A 174 -19.64 -4.09 -17.19
N GLY A 175 -18.71 -4.27 -18.14
CA GLY A 175 -18.53 -5.58 -18.76
C GLY A 175 -19.74 -6.00 -19.60
N TYR A 176 -20.41 -5.04 -20.29
CA TYR A 176 -21.52 -5.39 -21.15
C TYR A 176 -20.94 -5.88 -22.47
N LYS A 177 -21.63 -6.83 -23.12
CA LYS A 177 -21.16 -7.41 -24.37
C LYS A 177 -22.00 -6.86 -25.52
N THR A 178 -21.60 -7.20 -26.76
CA THR A 178 -22.25 -6.68 -27.96
C THR A 178 -23.75 -7.00 -27.92
N GLU A 179 -24.10 -8.17 -27.38
CA GLU A 179 -25.46 -8.68 -27.39
C GLU A 179 -26.30 -7.84 -26.42
N ASP A 180 -25.67 -7.42 -25.31
CA ASP A 180 -26.32 -6.62 -24.29
C ASP A 180 -26.72 -5.25 -24.84
N LEU A 181 -25.85 -4.64 -25.66
CA LEU A 181 -26.06 -3.27 -26.10
C LEU A 181 -26.71 -3.18 -27.47
N ALA A 182 -26.94 -4.31 -28.16
CA ALA A 182 -27.40 -4.29 -29.55
C ALA A 182 -28.77 -3.62 -29.69
N PHE A 183 -29.65 -3.74 -28.67
CA PHE A 183 -30.96 -3.12 -28.70
C PHE A 183 -30.84 -1.59 -28.86
N ILE A 184 -29.69 -0.99 -28.48
CA ILE A 184 -29.40 0.40 -28.79
C ILE A 184 -28.50 0.47 -30.02
N GLN A 185 -27.33 -0.20 -30.00
CA GLN A 185 -26.29 0.03 -30.99
C GLN A 185 -26.78 -0.34 -32.39
N ASP A 186 -27.59 -1.41 -32.53
CA ASP A 186 -28.07 -1.83 -33.84
C ASP A 186 -29.18 -0.95 -34.39
N LYS A 187 -29.79 -0.05 -33.60
CA LYS A 187 -31.01 0.62 -34.05
C LYS A 187 -30.92 2.15 -34.03
N ARG A 188 -29.78 2.71 -33.61
CA ARG A 188 -29.62 4.15 -33.53
C ARG A 188 -29.58 4.79 -34.92
N PHE A 189 -28.87 4.14 -35.86
CA PHE A 189 -28.64 4.63 -37.20
C PHE A 189 -29.30 3.72 -38.22
N LYS A 190 -29.80 4.31 -39.31
CA LYS A 190 -30.49 3.59 -40.37
C LYS A 190 -29.60 3.65 -41.62
N PHE A 191 -29.90 2.80 -42.62
CA PHE A 191 -29.19 2.78 -43.89
C PHE A 191 -30.18 2.92 -45.04
N SER A 201 -25.48 6.46 -44.24
CA SER A 201 -25.99 6.14 -42.89
C SER A 201 -26.66 7.38 -42.27
N GLN A 202 -27.95 7.25 -41.92
CA GLN A 202 -28.71 8.30 -41.27
C GLN A 202 -28.80 8.01 -39.77
N VAL A 203 -29.23 9.02 -39.01
CA VAL A 203 -29.73 8.86 -37.66
C VAL A 203 -31.19 8.42 -37.75
N ASN A 204 -31.51 7.31 -37.08
CA ASN A 204 -32.85 6.75 -37.07
C ASN A 204 -33.68 7.54 -36.06
N THR A 205 -34.35 8.62 -36.50
CA THR A 205 -35.11 9.46 -35.59
C THR A 205 -36.34 8.72 -35.06
N GLY A 206 -36.72 7.59 -35.69
CA GLY A 206 -37.86 6.79 -35.24
C GLY A 206 -37.53 5.87 -34.06
N PHE A 207 -36.23 5.68 -33.79
CA PHE A 207 -35.79 4.87 -32.66
C PHE A 207 -36.26 5.51 -31.35
N PHE A 208 -36.69 4.68 -30.39
CA PHE A 208 -37.34 5.16 -29.17
C PHE A 208 -36.36 5.98 -28.32
N LEU A 209 -35.07 5.65 -28.37
CA LEU A 209 -34.07 6.39 -27.61
C LEU A 209 -33.24 7.28 -28.54
N SER A 210 -33.85 7.80 -29.61
CA SER A 210 -33.17 8.74 -30.50
C SER A 210 -32.90 10.06 -29.79
N LEU A 211 -31.66 10.54 -29.89
CA LEU A 211 -31.25 11.80 -29.26
C LEU A 211 -31.51 12.99 -30.18
N GLN A 212 -31.89 12.76 -31.46
CA GLN A 212 -32.17 13.87 -32.37
C GLN A 212 -33.54 13.70 -33.02
N ASP A 213 -34.18 14.84 -33.34
CA ASP A 213 -35.46 14.83 -34.04
C ASP A 213 -35.62 16.12 -34.83
N TYR A 214 -36.58 16.18 -35.75
CA TYR A 214 -36.83 17.42 -36.49
C TYR A 214 -37.59 18.40 -35.62
N ASN A 215 -38.32 17.94 -34.60
CA ASN A 215 -39.09 18.82 -33.72
C ASN A 215 -39.91 19.81 -34.56
N GLY A 216 -40.59 19.30 -35.61
CA GLY A 216 -41.45 20.11 -36.47
C GLY A 216 -40.74 21.35 -37.03
N ASP A 217 -39.47 21.20 -37.42
CA ASP A 217 -38.70 22.24 -38.08
C ASP A 217 -38.93 22.11 -39.58
N THR A 218 -39.54 23.15 -40.20
CA THR A 218 -39.86 23.13 -41.62
C THR A 218 -38.60 23.04 -42.47
N GLN A 219 -37.48 23.60 -41.97
CA GLN A 219 -36.18 23.54 -42.64
C GLN A 219 -35.62 22.11 -42.65
N LYS A 220 -36.15 21.24 -41.77
CA LYS A 220 -35.84 19.81 -41.73
C LYS A 220 -34.37 19.61 -41.34
N LYS A 221 -34.00 20.19 -40.18
CA LYS A 221 -32.68 20.03 -39.60
C LYS A 221 -32.82 19.37 -38.23
N LEU A 222 -31.83 18.54 -37.87
CA LEU A 222 -31.91 17.74 -36.66
C LEU A 222 -31.62 18.62 -35.45
N HIS A 223 -32.55 18.60 -34.48
CA HIS A 223 -32.40 19.23 -33.19
C HIS A 223 -32.27 18.16 -32.13
N LEU A 224 -32.05 18.57 -30.88
CA LEU A 224 -32.14 17.66 -29.74
C LEU A 224 -33.60 17.23 -29.57
N SER A 225 -33.80 15.92 -29.42
CA SER A 225 -35.08 15.35 -29.05
C SER A 225 -35.27 15.48 -27.53
N GLY A 226 -36.48 15.15 -27.03
CA GLY A 226 -36.75 15.13 -25.60
C GLY A 226 -35.76 14.23 -24.84
N VAL A 227 -35.54 13.02 -25.35
CA VAL A 227 -34.56 12.13 -24.76
C VAL A 227 -33.19 12.81 -24.81
N GLY A 228 -32.87 13.45 -25.94
CA GLY A 228 -31.63 14.20 -26.07
C GLY A 228 -31.47 15.27 -24.99
N ILE A 229 -32.56 15.99 -24.67
CA ILE A 229 -32.53 17.05 -23.66
C ILE A 229 -32.34 16.42 -22.28
N ALA A 230 -33.03 15.31 -22.00
CA ALA A 230 -32.82 14.55 -20.78
C ALA A 230 -31.36 14.14 -20.63
N LEU A 231 -30.72 13.69 -21.72
CA LEU A 231 -29.32 13.25 -21.68
C LEU A 231 -28.44 14.46 -21.33
N LEU A 232 -28.65 15.59 -22.00
CA LEU A 232 -27.86 16.77 -21.71
C LEU A 232 -27.96 17.11 -20.22
N ILE A 233 -29.18 17.18 -19.68
CA ILE A 233 -29.37 17.48 -18.26
C ILE A 233 -28.59 16.50 -17.39
N CYS A 234 -28.68 15.19 -17.68
CA CYS A 234 -28.10 14.17 -16.82
C CYS A 234 -26.57 14.20 -16.78
N LEU A 235 -25.92 14.88 -17.75
CA LEU A 235 -24.50 15.09 -17.69
C LEU A 235 -24.14 15.96 -16.47
N PHE A 236 -25.07 16.82 -16.04
CA PHE A 236 -24.84 17.74 -14.93
C PHE A 236 -25.54 17.30 -13.64
N LEU A 237 -25.94 16.03 -13.51
CA LEU A 237 -26.57 15.56 -12.28
C LEU A 237 -25.71 14.49 -11.61
N ASP A 238 -25.82 14.39 -10.27
CA ASP A 238 -25.42 13.22 -9.50
C ASP A 238 -26.25 12.00 -9.90
N LYS A 239 -25.66 10.80 -9.71
CA LYS A 239 -26.28 9.54 -10.09
C LYS A 239 -27.63 9.33 -9.38
N GLN A 240 -27.74 9.80 -8.13
CA GLN A 240 -28.97 9.68 -7.37
C GLN A 240 -30.09 10.42 -8.10
N TYR A 241 -29.79 11.62 -8.61
CA TYR A 241 -30.80 12.46 -9.22
C TYR A 241 -31.05 12.00 -10.65
N ILE A 242 -30.03 11.44 -11.33
CA ILE A 242 -30.26 10.84 -12.64
C ILE A 242 -31.34 9.77 -12.50
N ASN A 243 -31.28 8.98 -11.43
CA ASN A 243 -32.20 7.87 -11.25
C ASN A 243 -33.59 8.40 -10.94
N ILE A 244 -33.70 9.40 -10.04
CA ILE A 244 -35.00 10.00 -9.70
C ILE A 244 -35.62 10.64 -10.93
N PHE A 245 -34.81 11.35 -11.74
CA PHE A 245 -35.31 12.10 -12.87
C PHE A 245 -35.83 11.15 -13.95
N LEU A 246 -34.99 10.21 -14.40
CA LEU A 246 -35.29 9.41 -15.57
C LEU A 246 -36.46 8.47 -15.31
N SER A 247 -36.54 7.94 -14.08
CA SER A 247 -37.64 7.09 -13.63
C SER A 247 -39.02 7.74 -13.81
N ARG A 248 -39.10 9.07 -13.88
CA ARG A 248 -40.37 9.75 -14.09
C ARG A 248 -40.74 9.81 -15.57
N LEU A 249 -39.81 9.49 -16.48
CA LEU A 249 -39.99 9.75 -17.90
C LEU A 249 -40.32 8.46 -18.63
N PRO A 250 -41.31 8.43 -19.55
CA PRO A 250 -41.57 7.25 -20.37
C PRO A 250 -40.59 7.13 -21.54
N ILE A 251 -39.34 6.76 -21.23
CA ILE A 251 -38.27 6.70 -22.23
C ILE A 251 -37.72 5.28 -22.36
N PHE A 252 -38.43 4.27 -21.82
CA PHE A 252 -37.92 2.90 -21.78
C PHE A 252 -38.73 1.96 -22.68
N SER A 253 -39.38 2.49 -23.74
CA SER A 253 -40.31 1.74 -24.57
C SER A 253 -41.11 0.76 -23.70
N SER A 254 -40.90 -0.57 -23.85
CA SER A 254 -41.70 -1.57 -23.17
C SER A 254 -40.90 -2.32 -22.10
N TYR A 255 -39.60 -2.00 -21.95
CA TYR A 255 -38.77 -2.59 -20.90
C TYR A 255 -39.32 -2.10 -19.56
N ASN A 256 -39.36 -3.00 -18.55
CA ASN A 256 -40.03 -2.74 -17.29
C ASN A 256 -38.99 -2.41 -16.22
N ALA A 257 -39.46 -1.98 -15.03
CA ALA A 257 -38.63 -1.48 -13.94
C ALA A 257 -37.44 -2.41 -13.63
N GLN A 258 -37.63 -3.73 -13.74
CA GLN A 258 -36.63 -4.70 -13.32
C GLN A 258 -35.72 -5.12 -14.48
N SER A 259 -36.00 -4.65 -15.71
CA SER A 259 -35.28 -5.11 -16.90
C SER A 259 -33.81 -4.69 -16.84
N GLU A 260 -32.96 -5.47 -17.51
CA GLU A 260 -31.57 -5.11 -17.71
C GLU A 260 -31.47 -3.91 -18.66
N GLU A 261 -32.40 -3.85 -19.62
CA GLU A 261 -32.37 -2.79 -20.63
C GLU A 261 -32.59 -1.44 -19.97
N ARG A 262 -33.51 -1.37 -18.99
CA ARG A 262 -33.73 -0.13 -18.27
C ARG A 262 -32.44 0.26 -17.55
N ARG A 263 -31.79 -0.71 -16.88
CA ARG A 263 -30.57 -0.42 -16.16
C ARG A 263 -29.47 0.05 -17.12
N ILE A 264 -29.40 -0.54 -18.33
CA ILE A 264 -28.40 -0.13 -19.32
C ILE A 264 -28.65 1.32 -19.70
N ILE A 265 -29.91 1.66 -20.03
CA ILE A 265 -30.24 3.01 -20.44
C ILE A 265 -29.77 3.97 -19.34
N ILE A 266 -30.20 3.75 -18.09
CA ILE A 266 -29.90 4.69 -17.02
C ILE A 266 -28.39 4.76 -16.82
N ARG A 267 -27.70 3.63 -16.80
CA ARG A 267 -26.26 3.65 -16.66
C ARG A 267 -25.60 4.44 -17.77
N SER A 268 -26.10 4.32 -19.01
CA SER A 268 -25.52 5.06 -20.12
C SER A 268 -25.69 6.57 -19.91
N PHE A 269 -26.70 7.01 -19.16
CA PHE A 269 -26.93 8.44 -18.98
C PHE A 269 -26.15 8.98 -17.79
N GLY A 270 -25.39 8.15 -17.07
CA GLY A 270 -24.63 8.63 -15.92
C GLY A 270 -23.13 8.38 -16.03
N ILE A 271 -22.72 7.62 -17.05
CA ILE A 271 -21.40 7.03 -17.09
C ILE A 271 -20.29 8.10 -17.05
N ASN A 272 -20.49 9.27 -17.67
CA ASN A 272 -19.47 10.31 -17.69
C ASN A 272 -19.97 11.61 -17.03
N SER A 273 -20.87 11.52 -16.04
CA SER A 273 -21.56 12.71 -15.53
C SER A 273 -20.70 13.44 -14.51
N ILE A 274 -21.13 14.67 -14.19
CA ILE A 274 -20.46 15.59 -13.27
C ILE A 274 -19.96 14.88 -12.01
N LYS A 275 -18.73 15.21 -11.60
CA LYS A 275 -18.23 14.93 -10.26
C LYS A 275 -18.18 16.25 -9.50
N LEU A 276 -18.99 16.39 -8.44
CA LEU A 276 -19.04 17.65 -7.72
C LEU A 276 -17.91 17.70 -6.70
N PRO A 277 -17.25 18.88 -6.47
CA PRO A 277 -16.27 18.99 -5.39
C PRO A 277 -16.87 18.71 -4.01
N LYS A 285 -13.01 8.79 8.25
CA LYS A 285 -12.96 8.02 9.53
C LYS A 285 -13.40 8.94 10.68
N SER A 286 -13.84 8.32 11.79
CA SER A 286 -14.25 9.01 13.01
C SER A 286 -14.07 8.09 14.21
N ASN A 287 -14.23 8.62 15.43
CA ASN A 287 -14.27 7.77 16.62
C ASN A 287 -15.27 6.63 16.43
N LYS A 288 -16.48 6.91 15.95
CA LYS A 288 -17.48 5.86 15.79
C LYS A 288 -17.01 4.87 14.74
N SER A 289 -16.52 5.36 13.60
CA SER A 289 -16.14 4.47 12.51
C SER A 289 -15.00 3.54 12.97
N VAL A 290 -14.07 4.06 13.79
CA VAL A 290 -12.92 3.28 14.22
C VAL A 290 -13.42 2.18 15.17
N ALA A 291 -14.30 2.54 16.11
CA ALA A 291 -14.90 1.59 17.01
C ALA A 291 -15.54 0.43 16.23
N MET A 292 -16.17 0.73 15.11
CA MET A 292 -16.89 -0.29 14.34
C MET A 292 -15.90 -1.07 13.47
N ASP A 293 -14.77 -0.46 13.13
CA ASP A 293 -13.69 -1.15 12.44
C ASP A 293 -13.04 -2.17 13.35
N MET A 294 -13.03 -1.88 14.66
CA MET A 294 -12.43 -2.75 15.66
C MET A 294 -13.31 -3.97 15.90
N LEU A 295 -14.62 -3.76 16.06
CA LEU A 295 -15.54 -4.87 16.29
C LEU A 295 -15.59 -5.80 15.09
N ASN A 296 -15.48 -5.25 13.88
CA ASN A 296 -15.50 -6.09 12.69
C ASN A 296 -14.14 -6.78 12.49
N GLU A 297 -13.08 -6.34 13.19
CA GLU A 297 -11.79 -7.02 13.16
C GLU A 297 -11.81 -8.28 14.03
N VAL A 298 -12.41 -8.19 15.22
CA VAL A 298 -12.34 -9.26 16.20
C VAL A 298 -13.30 -10.40 15.85
N LYS A 299 -14.26 -10.19 14.93
CA LYS A 299 -15.16 -11.27 14.53
C LYS A 299 -14.47 -12.17 13.49
N ARG A 300 -13.37 -11.70 12.88
CA ARG A 300 -12.68 -12.45 11.86
C ARG A 300 -11.61 -13.36 12.46
N CYS A 301 -11.33 -14.47 11.77
CA CYS A 301 -10.35 -15.44 12.23
C CYS A 301 -8.94 -14.92 11.97
N PRO A 302 -8.03 -14.90 12.97
CA PRO A 302 -6.63 -14.63 12.65
C PRO A 302 -6.09 -15.67 11.68
N ASP A 303 -5.17 -15.25 10.80
CA ASP A 303 -4.70 -16.13 9.74
C ASP A 303 -3.91 -17.30 10.34
N GLU A 304 -3.07 -17.06 11.37
CA GLU A 304 -2.30 -18.13 11.96
C GLU A 304 -3.22 -19.22 12.52
N LEU A 305 -4.36 -18.81 13.09
CA LEU A 305 -5.33 -19.76 13.60
C LEU A 305 -6.01 -20.51 12.45
N PHE A 306 -6.40 -19.80 11.39
CA PHE A 306 -7.20 -20.38 10.31
C PHE A 306 -6.49 -21.60 9.72
N THR A 307 -5.17 -21.46 9.49
CA THR A 307 -4.36 -22.55 8.96
C THR A 307 -4.49 -23.83 9.78
N THR A 308 -4.69 -23.73 11.11
CA THR A 308 -4.60 -24.89 11.97
C THR A 308 -5.95 -25.60 12.09
N LEU A 309 -7.04 -24.98 11.61
CA LEU A 309 -8.39 -25.46 11.89
C LEU A 309 -8.81 -26.53 10.88
N SER A 310 -9.65 -27.46 11.35
CA SER A 310 -10.30 -28.44 10.49
C SER A 310 -11.19 -27.75 9.46
N ALA A 311 -11.47 -28.45 8.35
CA ALA A 311 -12.22 -27.90 7.23
C ALA A 311 -13.60 -27.46 7.70
N GLU A 312 -14.20 -28.23 8.62
CA GLU A 312 -15.50 -27.88 9.16
C GLU A 312 -15.42 -26.52 9.84
N LYS A 313 -14.43 -26.32 10.71
CA LYS A 313 -14.34 -25.06 11.44
C LYS A 313 -13.86 -23.92 10.55
N GLN A 314 -12.97 -24.20 9.58
CA GLN A 314 -12.68 -23.17 8.59
C GLN A 314 -13.95 -22.74 7.87
N SER A 315 -14.88 -23.68 7.62
CA SER A 315 -16.11 -23.38 6.90
C SER A 315 -16.96 -22.37 7.66
N ARG A 316 -16.81 -22.30 8.99
CA ARG A 316 -17.62 -21.42 9.83
C ARG A 316 -17.29 -19.94 9.60
N PHE A 317 -16.13 -19.64 8.99
CA PHE A 317 -15.78 -18.27 8.67
C PHE A 317 -16.22 -17.90 7.25
N ARG A 318 -16.80 -18.84 6.49
CA ARG A 318 -17.19 -18.59 5.10
C ARG A 318 -18.68 -18.38 4.95
N ILE A 319 -19.04 -17.35 4.16
CA ILE A 319 -20.41 -17.07 3.79
C ILE A 319 -20.54 -17.31 2.28
N ILE A 320 -21.71 -17.81 1.85
CA ILE A 320 -22.11 -17.71 0.45
C ILE A 320 -23.06 -16.51 0.34
N SER A 321 -22.76 -15.59 -0.59
CA SER A 321 -23.56 -14.41 -0.82
C SER A 321 -24.85 -14.76 -1.56
N ASP A 322 -25.71 -13.74 -1.80
CA ASP A 322 -26.86 -13.84 -2.69
C ASP A 322 -26.45 -14.28 -4.09
N ASP A 323 -25.37 -13.69 -4.64
CA ASP A 323 -24.92 -14.02 -5.98
C ASP A 323 -23.95 -15.21 -5.92
N HIS A 324 -24.18 -16.12 -4.96
CA HIS A 324 -23.54 -17.43 -4.92
C HIS A 324 -22.01 -17.31 -4.95
N ASN A 325 -21.48 -16.30 -4.23
CA ASN A 325 -20.04 -16.08 -4.14
C ASN A 325 -19.60 -16.24 -2.69
N GLU A 326 -18.52 -17.00 -2.49
CA GLU A 326 -18.01 -17.28 -1.17
C GLU A 326 -17.20 -16.08 -0.70
N VAL A 327 -17.41 -15.68 0.57
CA VAL A 327 -16.71 -14.57 1.19
C VAL A 327 -16.19 -15.01 2.55
N LEU A 328 -14.92 -14.72 2.85
CA LEU A 328 -14.16 -15.37 3.91
C LEU A 328 -13.88 -14.37 5.02
N MET A 329 -14.44 -14.60 6.23
CA MET A 329 -14.19 -13.73 7.38
C MET A 329 -12.87 -14.12 8.03
N LYS A 330 -11.78 -13.78 7.36
CA LYS A 330 -10.44 -14.10 7.84
C LYS A 330 -9.60 -12.84 7.74
N ARG A 331 -8.71 -12.64 8.72
CA ARG A 331 -7.85 -11.45 8.75
C ARG A 331 -6.75 -11.62 7.70
N SER A 332 -6.58 -10.65 6.81
CA SER A 332 -5.51 -10.71 5.81
C SER A 332 -4.18 -10.27 6.43
N SER A 333 -4.25 -9.49 7.51
CA SER A 333 -3.09 -9.08 8.28
C SER A 333 -3.54 -8.74 9.70
N ASP A 334 -2.56 -8.65 10.61
CA ASP A 334 -2.86 -8.22 11.96
C ASP A 334 -2.99 -6.70 11.95
N ARG A 335 -4.25 -6.21 12.03
CA ARG A 335 -4.53 -4.78 12.04
C ARG A 335 -4.66 -4.20 13.46
N PHE A 336 -4.31 -4.97 14.51
CA PHE A 336 -4.41 -4.49 15.87
C PHE A 336 -3.76 -3.11 16.02
N VAL A 337 -2.52 -2.96 15.55
CA VAL A 337 -1.73 -1.77 15.86
C VAL A 337 -2.27 -0.57 15.08
N PRO A 338 -2.43 -0.62 13.72
CA PRO A 338 -3.05 0.51 13.02
C PRO A 338 -4.40 0.90 13.59
N LEU A 339 -5.23 -0.09 13.94
CA LEU A 339 -6.50 0.23 14.58
C LEU A 339 -6.28 1.04 15.86
N LEU A 340 -5.30 0.64 16.68
CA LEU A 340 -5.02 1.32 17.92
C LEU A 340 -4.53 2.73 17.65
N LEU A 341 -3.71 2.91 16.61
CA LEU A 341 -3.20 4.22 16.27
C LEU A 341 -4.36 5.12 15.79
N GLN A 342 -5.26 4.60 14.94
CA GLN A 342 -6.41 5.40 14.53
C GLN A 342 -7.22 5.78 15.75
N TYR A 343 -7.42 4.83 16.68
CA TYR A 343 -8.18 5.09 17.89
C TYR A 343 -7.60 6.28 18.65
N ILE A 344 -6.29 6.35 18.78
CA ILE A 344 -5.65 7.39 19.56
C ILE A 344 -5.72 8.71 18.80
N ASP A 345 -5.48 8.68 17.48
CA ASP A 345 -5.48 9.88 16.64
C ASP A 345 -6.88 10.49 16.59
N TYR A 346 -7.89 9.73 16.16
CA TYR A 346 -9.21 10.32 16.02
C TYR A 346 -9.78 10.68 17.38
N GLY A 347 -9.41 9.95 18.44
CA GLY A 347 -9.84 10.27 19.78
C GLY A 347 -9.17 11.51 20.37
N LYS A 348 -8.07 11.99 19.76
CA LYS A 348 -7.26 13.07 20.30
C LYS A 348 -6.88 12.75 21.74
N LEU A 349 -6.33 11.55 21.94
CA LEU A 349 -6.06 10.99 23.26
C LEU A 349 -4.64 11.29 23.75
N PHE A 350 -3.70 11.57 22.84
CA PHE A 350 -2.36 11.97 23.22
C PHE A 350 -2.16 13.45 22.85
N ASP A 351 -1.73 14.24 23.83
CA ASP A 351 -1.52 15.66 23.64
C ASP A 351 -0.19 15.97 22.96
N HIS A 352 0.81 15.11 23.17
CA HIS A 352 2.19 15.39 22.81
C HIS A 352 2.75 14.36 21.82
N ILE A 353 2.33 13.10 21.93
CA ILE A 353 2.95 12.05 21.12
C ILE A 353 2.27 12.06 19.76
N ARG A 354 3.06 11.96 18.69
CA ARG A 354 2.52 11.81 17.34
C ARG A 354 3.27 10.69 16.62
N PHE A 355 2.56 9.88 15.82
CA PHE A 355 3.12 8.69 15.21
C PHE A 355 3.73 9.03 13.84
N HIS A 356 4.60 8.14 13.37
CA HIS A 356 5.32 8.27 12.11
C HIS A 356 4.42 7.92 10.91
N VAL A 357 4.19 8.91 10.02
CA VAL A 357 3.34 8.70 8.86
C VAL A 357 4.20 8.85 7.59
N ASN A 358 3.81 8.15 6.52
CA ASN A 358 4.31 8.42 5.18
C ASN A 358 3.25 9.13 4.36
N MET A 359 3.65 10.12 3.55
CA MET A 359 2.72 10.93 2.77
C MET A 359 3.12 10.97 1.29
N GLY A 360 3.66 9.86 0.76
CA GLY A 360 4.02 9.75 -0.64
C GLY A 360 5.53 9.81 -0.84
N LYS A 361 5.97 9.95 -2.09
CA LYS A 361 7.37 9.99 -2.44
C LYS A 361 7.63 11.22 -3.29
N LEU A 362 8.80 11.84 -3.12
CA LEU A 362 9.29 12.85 -4.04
C LEU A 362 10.11 12.14 -5.14
N ARG A 363 9.81 12.40 -6.43
CA ARG A 363 10.60 11.91 -7.55
C ARG A 363 11.33 13.07 -8.20
N TYR A 364 12.63 12.96 -8.35
CA TYR A 364 13.42 13.99 -9.02
C TYR A 364 14.27 13.34 -10.11
N LEU A 365 14.47 14.05 -11.21
CA LEU A 365 15.23 13.55 -12.33
C LEU A 365 16.71 13.87 -12.12
N LEU A 366 17.53 12.82 -11.96
CA LEU A 366 18.95 12.98 -11.77
C LEU A 366 19.63 13.17 -13.12
N LYS A 367 19.26 12.33 -14.10
CA LYS A 367 19.80 12.40 -15.44
C LYS A 367 18.80 11.84 -16.45
N ALA A 368 18.57 12.61 -17.53
CA ALA A 368 17.65 12.21 -18.58
C ALA A 368 18.26 11.10 -19.44
N ASP A 369 19.59 11.14 -19.66
CA ASP A 369 20.29 10.16 -20.48
C ASP A 369 21.44 9.56 -19.70
N LYS A 370 21.16 8.50 -18.92
CA LYS A 370 22.18 7.81 -18.15
C LYS A 370 22.55 6.50 -18.85
N THR A 371 23.82 6.38 -19.26
CA THR A 371 24.33 5.15 -19.85
C THR A 371 24.53 4.14 -18.72
N CYS A 372 23.95 2.95 -18.90
CA CYS A 372 23.92 1.92 -17.88
C CYS A 372 25.02 0.91 -18.19
N ILE A 373 25.18 -0.12 -17.34
CA ILE A 373 26.30 -1.05 -17.47
C ILE A 373 26.13 -1.96 -18.70
N ASP A 374 24.92 -2.03 -19.28
CA ASP A 374 24.71 -2.71 -20.56
C ASP A 374 24.81 -1.73 -21.74
N GLY A 375 25.20 -0.46 -21.48
CA GLY A 375 25.47 0.50 -22.54
C GLY A 375 24.21 1.07 -23.18
N GLN A 376 23.03 0.81 -22.59
CA GLN A 376 21.77 1.40 -23.02
C GLN A 376 21.50 2.63 -22.15
N THR A 377 20.92 3.69 -22.76
CA THR A 377 20.64 4.95 -22.08
C THR A 377 19.25 4.87 -21.45
N ARG A 378 19.12 5.35 -20.19
CA ARG A 378 17.85 5.33 -19.48
C ARG A 378 17.74 6.57 -18.60
N VAL A 379 16.49 7.02 -18.33
CA VAL A 379 16.25 8.12 -17.42
C VAL A 379 16.60 7.61 -16.02
N ARG A 380 17.31 8.43 -15.24
CA ARG A 380 17.63 8.07 -13.88
C ARG A 380 16.82 8.97 -12.94
N VAL A 381 15.76 8.40 -12.35
CA VAL A 381 14.89 9.09 -11.40
C VAL A 381 15.16 8.56 -10.00
N ILE A 382 15.33 9.48 -9.04
CA ILE A 382 15.58 9.15 -7.64
C ILE A 382 14.31 9.46 -6.83
N GLU A 383 13.97 8.58 -5.87
CA GLU A 383 12.83 8.76 -4.98
C GLU A 383 13.28 9.01 -3.55
N GLN A 384 12.51 9.82 -2.81
CA GLN A 384 12.67 9.97 -1.38
C GLN A 384 11.29 9.83 -0.73
N PRO A 385 11.07 9.03 0.34
CA PRO A 385 9.78 9.03 1.03
C PRO A 385 9.51 10.32 1.79
N LEU A 386 8.24 10.73 1.77
CA LEU A 386 7.81 11.89 2.51
C LEU A 386 7.27 11.40 3.85
N ASN A 387 8.17 11.25 4.81
CA ASN A 387 7.84 10.76 6.14
C ASN A 387 7.68 11.94 7.10
N GLY A 388 6.77 11.82 8.07
CA GLY A 388 6.56 12.91 9.03
C GLY A 388 5.80 12.40 10.23
N PHE A 389 5.30 13.33 11.05
CA PHE A 389 4.67 12.96 12.31
C PHE A 389 3.42 13.81 12.51
N GLY A 390 2.29 13.12 12.60
CA GLY A 390 1.12 13.80 13.10
C GLY A 390 -0.06 12.86 13.10
N ARG A 391 -1.19 13.37 13.58
CA ARG A 391 -2.43 12.63 13.54
C ARG A 391 -2.86 12.46 12.09
N LEU A 392 -3.31 11.26 11.76
CA LEU A 392 -3.52 10.87 10.38
C LEU A 392 -4.41 11.86 9.64
N GLU A 393 -5.51 12.31 10.28
CA GLU A 393 -6.43 13.28 9.68
C GLU A 393 -5.73 14.62 9.46
N GLU A 394 -4.99 15.11 10.45
CA GLU A 394 -4.42 16.46 10.35
C GLU A 394 -3.34 16.44 9.28
N ALA A 395 -2.48 15.42 9.31
CA ALA A 395 -1.46 15.23 8.29
C ALA A 395 -2.07 15.14 6.89
N GLU A 396 -3.19 14.41 6.75
CA GLU A 396 -3.82 14.23 5.44
C GLU A 396 -4.37 15.55 4.91
N THR A 397 -4.97 16.38 5.79
CA THR A 397 -5.47 17.69 5.39
C THR A 397 -4.31 18.57 4.88
N MET A 398 -3.11 18.42 5.46
CA MET A 398 -1.96 19.22 5.08
C MET A 398 -1.32 18.70 3.78
N ARG A 399 -1.48 17.40 3.48
CA ARG A 399 -0.70 16.77 2.43
C ARG A 399 -1.10 17.34 1.09
N LYS A 400 -2.41 17.47 0.85
CA LYS A 400 -2.89 17.90 -0.46
C LYS A 400 -3.61 19.24 -0.30
N GLN A 401 -2.96 20.27 -0.83
CA GLN A 401 -3.51 21.61 -0.83
C GLN A 401 -4.58 21.67 -1.91
N GLU A 402 -5.43 22.71 -1.88
CA GLU A 402 -6.44 22.91 -2.93
C GLU A 402 -5.76 23.05 -4.28
N ASN A 403 -4.64 23.80 -4.34
CA ASN A 403 -3.91 24.02 -5.58
C ASN A 403 -3.16 22.77 -6.05
N GLY A 404 -3.28 21.64 -5.32
CA GLY A 404 -2.75 20.37 -5.77
C GLY A 404 -1.24 20.25 -5.57
N THR A 405 -0.70 21.04 -4.63
CA THR A 405 0.69 20.93 -4.24
C THR A 405 0.75 20.21 -2.89
N PHE A 406 1.96 19.77 -2.52
CA PHE A 406 2.18 19.09 -1.26
C PHE A 406 2.56 20.07 -0.14
N GLY A 407 1.85 19.99 1.00
CA GLY A 407 2.19 20.77 2.18
C GLY A 407 2.48 22.23 1.85
N ASN A 408 3.59 22.78 2.38
CA ASN A 408 4.05 24.12 2.06
C ASN A 408 5.23 24.09 1.08
N SER A 409 5.32 23.00 0.29
CA SER A 409 6.50 22.75 -0.53
C SER A 409 6.48 23.58 -1.81
N GLY A 410 5.29 23.67 -2.44
CA GLY A 410 5.17 24.20 -3.79
C GLY A 410 5.12 23.11 -4.86
N ILE A 411 5.56 21.89 -4.54
CA ILE A 411 5.80 20.85 -5.54
C ILE A 411 4.48 20.15 -5.85
N ARG A 412 4.21 19.92 -7.14
CA ARG A 412 2.95 19.38 -7.61
C ARG A 412 2.84 17.89 -7.24
N ILE A 413 1.61 17.48 -6.86
CA ILE A 413 1.29 16.08 -6.69
C ILE A 413 0.74 15.59 -8.02
N ARG A 414 1.38 14.57 -8.60
CA ARG A 414 0.93 14.03 -9.88
C ARG A 414 -0.35 13.21 -9.65
N ASP A 415 -1.33 13.42 -10.53
CA ASP A 415 -2.65 12.83 -10.41
C ASP A 415 -2.71 11.61 -11.31
N PHE A 416 -3.77 10.79 -11.13
CA PHE A 416 -3.98 9.53 -11.82
C PHE A 416 -4.00 9.73 -13.34
N GLU A 417 -4.52 10.89 -13.81
CA GLU A 417 -4.61 11.18 -15.24
C GLU A 417 -3.22 11.35 -15.86
N ASN A 418 -2.24 11.82 -15.08
CA ASN A 418 -0.88 11.95 -15.58
C ASN A 418 -0.21 10.58 -15.55
N MET A 419 0.23 10.08 -16.71
CA MET A 419 0.61 8.68 -16.88
C MET A 419 1.97 8.55 -17.55
N LYS A 420 2.80 9.60 -17.47
CA LYS A 420 3.94 9.75 -18.36
C LYS A 420 5.08 8.85 -17.88
N ARG A 421 5.11 7.61 -18.41
CA ARG A 421 6.15 6.64 -18.10
C ARG A 421 7.54 7.20 -18.44
N ASP A 422 8.53 6.93 -17.56
CA ASP A 422 9.95 7.18 -17.79
C ASP A 422 10.15 8.51 -18.51
N ASP A 423 9.36 9.49 -18.06
CA ASP A 423 9.34 10.80 -18.69
C ASP A 423 10.72 11.41 -18.58
N ALA A 424 11.23 11.94 -19.70
CA ALA A 424 12.60 12.43 -19.79
C ALA A 424 12.67 13.95 -19.80
N ASN A 425 11.51 14.63 -19.65
CA ASN A 425 11.42 16.08 -19.75
C ASN A 425 11.76 16.67 -18.38
N PRO A 426 12.86 17.44 -18.22
CA PRO A 426 13.19 18.04 -16.93
C PRO A 426 12.12 18.96 -16.35
N ALA A 427 11.34 19.60 -17.23
CA ALA A 427 10.29 20.52 -16.82
C ALA A 427 9.20 19.80 -16.01
N ASN A 428 9.06 18.48 -16.20
CA ASN A 428 8.01 17.74 -15.52
C ASN A 428 8.41 17.31 -14.10
N TYR A 429 9.65 17.60 -13.70
CA TYR A 429 10.17 17.17 -12.42
C TYR A 429 10.52 18.40 -11.58
N PRO A 430 10.57 18.35 -10.23
CA PRO A 430 10.13 17.21 -9.43
C PRO A 430 8.61 17.11 -9.33
N TYR A 431 8.12 15.92 -8.99
CA TYR A 431 6.72 15.77 -8.61
C TYR A 431 6.62 14.77 -7.47
N ILE A 432 5.43 14.72 -6.87
CA ILE A 432 5.18 13.89 -5.70
C ILE A 432 4.09 12.88 -6.06
N VAL A 433 4.37 11.60 -5.77
CA VAL A 433 3.43 10.54 -6.04
C VAL A 433 2.25 10.73 -5.08
N ASP A 434 1.03 10.60 -5.61
CA ASP A 434 -0.17 10.74 -4.81
C ASP A 434 -0.41 9.46 -4.03
N THR A 435 -0.37 9.58 -2.69
CA THR A 435 -0.53 8.46 -1.78
C THR A 435 -1.24 8.99 -0.55
N TYR A 436 -2.30 8.32 -0.10
CA TYR A 436 -2.98 8.72 1.11
C TYR A 436 -2.04 8.51 2.29
N THR A 437 -2.03 9.48 3.22
CA THR A 437 -1.30 9.38 4.48
C THR A 437 -1.62 8.04 5.15
N HIS A 438 -0.56 7.26 5.41
CA HIS A 438 -0.68 6.06 6.23
C HIS A 438 0.40 6.08 7.29
N TYR A 439 0.19 5.29 8.35
CA TYR A 439 1.20 5.11 9.38
C TYR A 439 2.28 4.20 8.84
N ILE A 440 3.54 4.46 9.22
CA ILE A 440 4.66 3.60 8.86
C ILE A 440 4.75 2.52 9.93
N LEU A 441 4.56 1.28 9.54
CA LEU A 441 4.56 0.17 10.49
C LEU A 441 5.34 -0.99 9.90
N GLU A 442 6.66 -0.98 10.16
CA GLU A 442 7.61 -1.92 9.61
C GLU A 442 8.42 -2.55 10.74
N ASN A 443 8.83 -3.81 10.53
CA ASN A 443 9.75 -4.48 11.43
C ASN A 443 9.19 -4.59 12.85
N ASN A 444 7.86 -4.75 12.97
CA ASN A 444 7.16 -4.76 14.25
C ASN A 444 7.54 -3.57 15.15
N LYS A 445 7.63 -2.38 14.59
CA LYS A 445 7.88 -1.22 15.41
C LYS A 445 6.84 -0.13 15.16
N VAL A 446 6.69 0.76 16.16
CA VAL A 446 5.92 1.98 16.05
C VAL A 446 6.85 3.11 16.46
N GLU A 447 7.08 4.05 15.54
CA GLU A 447 7.94 5.19 15.80
C GLU A 447 7.08 6.41 16.13
N MET A 448 7.55 7.24 17.07
CA MET A 448 6.79 8.40 17.50
C MET A 448 7.69 9.60 17.78
N PHE A 449 7.08 10.79 17.73
CA PHE A 449 7.76 12.04 18.00
C PHE A 449 7.05 12.72 19.17
N ILE A 450 7.82 13.23 20.15
CA ILE A 450 7.24 13.84 21.35
C ILE A 450 7.33 15.36 21.23
N ASN A 451 6.18 16.02 21.17
CA ASN A 451 6.10 17.48 21.09
C ASN A 451 6.12 18.05 22.49
N ASP A 452 6.81 19.18 22.68
CA ASP A 452 6.80 19.86 23.98
C ASP A 452 5.43 20.48 24.26
N LYS A 453 4.76 21.05 23.25
CA LYS A 453 3.51 21.78 23.44
C LYS A 453 2.33 21.00 22.85
N GLU A 454 1.13 21.26 23.38
CA GLU A 454 -0.08 20.59 22.94
C GLU A 454 -0.60 21.27 21.68
N ASP A 455 -1.41 20.54 20.89
CA ASP A 455 -2.03 21.04 19.67
C ASP A 455 -0.96 21.54 18.69
N SER A 456 0.19 20.86 18.66
CA SER A 456 1.20 21.13 17.64
C SER A 456 0.62 20.75 16.28
N ALA A 457 1.09 21.42 15.22
CA ALA A 457 0.70 21.18 13.84
C ALA A 457 1.41 19.93 13.33
N PRO A 458 0.90 19.22 12.27
CA PRO A 458 1.65 18.11 11.69
C PRO A 458 3.06 18.49 11.32
N LEU A 459 3.99 17.55 11.50
CA LEU A 459 5.38 17.74 11.15
C LEU A 459 5.62 17.10 9.78
N LEU A 460 5.51 17.93 8.74
CA LEU A 460 5.73 17.49 7.37
C LEU A 460 7.18 17.75 7.03
N PRO A 461 7.82 16.94 6.17
CA PRO A 461 9.22 17.19 5.84
C PRO A 461 9.38 18.41 4.95
N VAL A 462 10.42 19.20 5.22
CA VAL A 462 10.80 20.27 4.32
C VAL A 462 11.53 19.63 3.13
N ILE A 463 11.35 20.22 1.93
CA ILE A 463 12.08 19.80 0.76
C ILE A 463 13.07 20.92 0.43
N GLU A 464 14.32 20.54 0.15
CA GLU A 464 15.38 21.49 -0.15
C GLU A 464 15.98 21.18 -1.52
N ASP A 465 16.21 22.25 -2.28
CA ASP A 465 16.81 22.18 -3.61
C ASP A 465 15.99 21.24 -4.48
N ASP A 466 14.67 21.24 -4.27
CA ASP A 466 13.73 20.38 -4.98
C ASP A 466 14.19 18.91 -4.97
N ARG A 467 15.07 18.50 -4.04
CA ARG A 467 15.75 17.22 -4.19
C ARG A 467 15.85 16.47 -2.87
N TYR A 468 16.19 17.17 -1.77
CA TYR A 468 16.37 16.53 -0.47
C TYR A 468 15.08 16.66 0.34
N VAL A 469 14.63 15.53 0.90
CA VAL A 469 13.52 15.51 1.83
C VAL A 469 14.10 15.48 3.24
N VAL A 470 14.02 16.59 3.97
CA VAL A 470 14.67 16.69 5.27
C VAL A 470 13.75 16.07 6.31
N LYS A 471 14.08 14.83 6.72
CA LYS A 471 13.30 14.05 7.65
C LYS A 471 13.83 14.24 9.08
N THR A 472 13.11 13.65 10.05
CA THR A 472 13.32 13.84 11.48
C THR A 472 13.45 12.46 12.12
N ILE A 473 14.55 12.23 12.85
CA ILE A 473 14.70 11.01 13.60
C ILE A 473 13.55 10.99 14.61
N PRO A 474 12.78 9.88 14.74
CA PRO A 474 11.80 9.76 15.81
C PRO A 474 12.38 9.97 17.21
N SER A 475 11.55 10.50 18.11
CA SER A 475 11.87 10.56 19.53
C SER A 475 12.16 9.17 20.09
N CYS A 476 11.31 8.20 19.74
CA CYS A 476 11.42 6.89 20.33
C CYS A 476 10.61 5.88 19.52
N ARG A 477 10.91 4.62 19.78
CA ARG A 477 10.41 3.51 18.99
C ARG A 477 10.00 2.44 19.97
N MET A 478 8.80 1.89 19.73
CA MET A 478 8.19 0.94 20.63
C MET A 478 7.95 -0.33 19.82
N SER A 479 8.20 -1.48 20.46
CA SER A 479 7.86 -2.78 19.92
C SER A 479 6.35 -2.86 19.74
N THR A 480 5.87 -3.39 18.61
CA THR A 480 4.43 -3.62 18.48
C THR A 480 3.97 -4.60 19.55
N LEU A 481 4.87 -5.42 20.10
CA LEU A 481 4.51 -6.34 21.17
C LEU A 481 4.27 -5.61 22.50
N GLU A 482 4.73 -4.35 22.62
CA GLU A 482 4.43 -3.56 23.80
C GLU A 482 3.06 -2.87 23.70
N ILE A 483 2.42 -2.88 22.52
CA ILE A 483 1.22 -2.07 22.32
C ILE A 483 0.07 -2.67 23.13
N PRO A 484 -0.13 -4.01 23.27
CA PRO A 484 -1.15 -4.50 24.18
C PRO A 484 -1.10 -3.96 25.61
N ALA A 485 0.09 -3.92 26.23
CA ALA A 485 0.19 -3.39 27.59
C ALA A 485 -0.10 -1.89 27.65
N MET A 486 0.32 -1.14 26.63
CA MET A 486 0.04 0.29 26.55
C MET A 486 -1.46 0.52 26.50
N ALA A 487 -2.13 -0.18 25.58
CA ALA A 487 -3.57 -0.16 25.48
C ALA A 487 -4.20 -0.49 26.84
N PHE A 488 -3.72 -1.56 27.50
CA PHE A 488 -4.33 -1.97 28.76
C PHE A 488 -4.16 -0.87 29.80
N HIS A 489 -2.97 -0.23 29.83
CA HIS A 489 -2.70 0.82 30.79
C HIS A 489 -3.64 2.00 30.50
N MET A 490 -3.80 2.33 29.21
CA MET A 490 -4.69 3.38 28.75
C MET A 490 -6.09 3.11 29.28
N PHE A 491 -6.57 1.87 29.08
CA PHE A 491 -7.91 1.50 29.51
C PHE A 491 -8.10 1.60 31.03
N LEU A 492 -7.07 1.31 31.85
CA LEU A 492 -7.22 1.32 33.30
C LEU A 492 -7.05 2.74 33.85
N PHE A 493 -6.11 3.52 33.29
CA PHE A 493 -5.71 4.78 33.90
C PHE A 493 -6.14 6.03 33.13
N GLY A 494 -6.34 5.92 31.80
CA GLY A 494 -6.56 7.09 30.97
C GLY A 494 -5.35 7.37 30.08
N SER A 495 -5.64 7.81 28.85
CA SER A 495 -4.62 8.09 27.84
C SER A 495 -3.63 9.16 28.29
N LYS A 496 -4.06 10.14 29.08
CA LYS A 496 -3.14 11.19 29.47
C LYS A 496 -2.10 10.65 30.45
N LYS A 497 -2.53 9.79 31.39
CA LYS A 497 -1.61 9.15 32.30
C LYS A 497 -0.75 8.16 31.54
N THR A 498 -1.30 7.48 30.53
CA THR A 498 -0.48 6.59 29.71
C THR A 498 0.62 7.40 29.05
N GLU A 499 0.25 8.53 28.45
CA GLU A 499 1.20 9.31 27.69
C GLU A 499 2.30 9.85 28.59
N LYS A 500 1.93 10.33 29.79
CA LYS A 500 2.92 10.86 30.72
C LYS A 500 3.94 9.79 31.06
N LEU A 501 3.53 8.51 31.13
CA LEU A 501 4.46 7.43 31.43
C LEU A 501 5.43 7.20 30.27
N ILE A 502 4.93 7.14 29.03
CA ILE A 502 5.83 6.98 27.90
C ILE A 502 6.82 8.14 27.91
N VAL A 503 6.33 9.36 28.15
CA VAL A 503 7.21 10.51 28.08
C VAL A 503 8.23 10.43 29.22
N ASP A 504 7.81 9.98 30.41
CA ASP A 504 8.74 9.86 31.54
C ASP A 504 9.79 8.78 31.28
N VAL A 505 9.40 7.63 30.72
CA VAL A 505 10.37 6.60 30.38
C VAL A 505 11.37 7.18 29.39
N HIS A 506 10.90 7.78 28.29
CA HIS A 506 11.75 8.44 27.31
C HIS A 506 12.71 9.41 27.98
N ASN A 507 12.24 10.25 28.92
CA ASN A 507 13.12 11.23 29.55
C ASN A 507 14.09 10.60 30.54
N ARG A 508 13.79 9.41 31.09
CA ARG A 508 14.77 8.70 31.90
C ARG A 508 15.94 8.24 31.04
N TYR A 509 15.65 7.64 29.88
CA TYR A 509 16.70 7.21 28.97
C TYR A 509 17.52 8.42 28.54
N LYS A 510 16.88 9.56 28.31
CA LYS A 510 17.61 10.73 27.86
C LYS A 510 18.54 11.23 28.96
N ARG A 511 18.07 11.29 30.20
CA ARG A 511 18.94 11.68 31.31
C ARG A 511 20.14 10.73 31.41
N LEU A 512 19.91 9.43 31.19
CA LEU A 512 20.98 8.46 31.29
C LEU A 512 22.03 8.76 30.22
N PHE A 513 21.59 8.87 28.96
CA PHE A 513 22.48 9.09 27.84
C PHE A 513 23.21 10.44 27.93
N GLN A 514 22.62 11.46 28.58
CA GLN A 514 23.32 12.71 28.79
C GLN A 514 24.46 12.51 29.80
N ALA A 515 24.20 11.71 30.84
CA ALA A 515 25.21 11.47 31.87
C ALA A 515 26.37 10.66 31.28
N MET A 516 26.07 9.72 30.37
CA MET A 516 27.10 8.95 29.70
C MET A 516 28.06 9.90 28.98
N GLN A 517 27.52 10.90 28.29
CA GLN A 517 28.32 11.85 27.52
C GLN A 517 29.19 12.72 28.43
N LYS A 518 28.84 12.87 29.71
CA LYS A 518 29.69 13.59 30.66
C LYS A 518 30.58 12.63 31.45
N GLU A 519 30.48 11.31 31.16
CA GLU A 519 31.20 10.25 31.84
C GLU A 519 30.89 10.31 33.33
N GLU A 520 29.58 10.27 33.65
CA GLU A 520 29.07 10.35 35.02
C GLU A 520 28.19 9.15 35.37
N VAL A 521 28.47 7.97 34.78
CA VAL A 521 27.67 6.79 35.04
C VAL A 521 28.63 5.72 35.56
N THR A 522 28.30 5.15 36.72
CA THR A 522 29.18 4.23 37.42
C THR A 522 28.34 3.05 37.89
N ALA A 523 28.99 1.96 38.30
CA ALA A 523 28.32 0.88 38.99
C ALA A 523 27.65 1.39 40.27
N GLU A 524 28.24 2.43 40.88
CA GLU A 524 27.77 2.98 42.15
C GLU A 524 26.49 3.80 41.99
N ASN A 525 26.26 4.42 40.81
CA ASN A 525 25.12 5.32 40.66
C ASN A 525 24.15 4.88 39.57
N ILE A 526 24.38 3.73 38.91
CA ILE A 526 23.54 3.32 37.79
C ILE A 526 22.08 3.20 38.22
N ALA A 527 21.81 2.69 39.44
CA ALA A 527 20.45 2.51 39.92
C ALA A 527 19.69 3.84 40.04
N SER A 528 20.41 4.96 40.28
CA SER A 528 19.76 6.25 40.47
C SER A 528 19.00 6.70 39.21
N PHE A 529 19.33 6.14 38.03
CA PHE A 529 18.73 6.58 36.78
C PHE A 529 17.31 6.01 36.59
N GLY A 530 16.91 5.02 37.39
CA GLY A 530 15.51 4.60 37.43
C GLY A 530 15.15 3.60 36.34
N ILE A 531 16.17 2.89 35.79
CA ILE A 531 15.99 1.94 34.70
C ILE A 531 16.53 0.60 35.19
N ALA A 532 15.72 -0.45 35.08
CA ALA A 532 16.13 -1.79 35.50
C ALA A 532 17.28 -2.30 34.63
N GLU A 533 18.16 -3.11 35.24
CA GLU A 533 19.30 -3.71 34.57
C GLU A 533 18.87 -4.38 33.26
N SER A 534 17.74 -5.12 33.28
CA SER A 534 17.31 -5.89 32.13
C SER A 534 16.83 -5.00 30.98
N ASP A 535 16.76 -3.68 31.20
CA ASP A 535 16.36 -2.71 30.18
C ASP A 535 17.48 -1.74 29.84
N LEU A 536 18.72 -2.05 30.25
CA LEU A 536 19.87 -1.28 29.83
C LEU A 536 20.57 -2.07 28.73
N PRO A 537 21.10 -1.40 27.68
CA PRO A 537 21.98 -2.08 26.75
C PRO A 537 23.15 -2.79 27.42
N GLN A 538 23.52 -3.97 26.89
CA GLN A 538 24.58 -4.77 27.47
C GLN A 538 25.89 -3.99 27.48
N LYS A 539 26.12 -3.14 26.47
CA LYS A 539 27.35 -2.36 26.39
C LYS A 539 27.49 -1.38 27.57
N ILE A 540 26.39 -0.81 28.07
CA ILE A 540 26.44 0.05 29.26
C ILE A 540 26.80 -0.84 30.45
N LEU A 541 26.23 -2.05 30.50
CA LEU A 541 26.44 -2.97 31.61
C LEU A 541 27.89 -3.46 31.61
N ASP A 542 28.43 -3.76 30.42
CA ASP A 542 29.83 -4.09 30.23
C ASP A 542 30.72 -2.92 30.65
N LEU A 543 30.37 -1.69 30.24
CA LEU A 543 31.20 -0.53 30.50
C LEU A 543 31.33 -0.21 31.98
N ILE A 544 30.26 -0.36 32.78
CA ILE A 544 30.34 -0.02 34.20
C ILE A 544 30.93 -1.20 35.00
N SER A 545 30.86 -2.44 34.46
CA SER A 545 31.47 -3.59 35.12
C SER A 545 32.96 -3.73 34.76
N GLY A 546 33.47 -2.89 33.85
CA GLY A 546 34.86 -2.97 33.41
C GLY A 546 35.11 -4.16 32.48
N ASN A 547 34.09 -4.57 31.71
CA ASN A 547 34.20 -5.70 30.79
C ASN A 547 33.84 -5.30 29.36
N ALA A 548 34.20 -4.07 28.95
CA ALA A 548 33.82 -3.58 27.63
C ALA A 548 34.77 -4.18 26.58
N HIS A 549 34.21 -4.73 25.49
CA HIS A 549 34.96 -5.42 24.45
C HIS A 549 34.23 -5.33 23.11
N GLY A 550 35.00 -5.34 22.00
CA GLY A 550 34.42 -5.52 20.68
C GLY A 550 34.26 -7.01 20.38
N LYS A 551 33.53 -7.33 19.31
CA LYS A 551 33.47 -8.68 18.79
C LYS A 551 34.83 -9.02 18.16
N ASP A 552 35.13 -10.34 18.11
CA ASP A 552 36.38 -10.84 17.54
C ASP A 552 36.22 -11.05 16.04
N VAL A 553 36.84 -10.16 15.26
CA VAL A 553 36.64 -10.14 13.81
C VAL A 553 37.28 -11.39 13.21
N ASP A 554 38.44 -11.83 13.70
CA ASP A 554 39.13 -12.97 13.13
C ASP A 554 38.28 -14.24 13.32
N ALA A 555 37.76 -14.46 14.53
CA ALA A 555 36.84 -15.58 14.73
C ALA A 555 35.72 -15.52 13.69
N PHE A 556 35.17 -14.31 13.47
CA PHE A 556 34.01 -14.13 12.61
C PHE A 556 34.35 -14.47 11.15
N ILE A 557 35.56 -14.09 10.74
CA ILE A 557 36.06 -14.35 9.39
C ILE A 557 36.17 -15.88 9.22
N ARG A 558 36.90 -16.53 10.14
CA ARG A 558 37.11 -17.97 10.10
C ARG A 558 35.77 -18.70 9.99
N LEU A 559 34.78 -18.26 10.76
CA LEU A 559 33.48 -18.93 10.78
C LEU A 559 32.74 -18.66 9.48
N THR A 560 32.75 -17.40 9.02
CA THR A 560 32.01 -17.02 7.83
C THR A 560 32.57 -17.79 6.62
N VAL A 561 33.90 -17.88 6.51
CA VAL A 561 34.51 -18.56 5.38
C VAL A 561 34.06 -20.02 5.37
N ASP A 562 34.14 -20.70 6.52
CA ASP A 562 33.74 -22.11 6.60
C ASP A 562 32.27 -22.26 6.23
N ASP A 563 31.37 -21.48 6.85
CA ASP A 563 29.95 -21.58 6.54
C ASP A 563 29.71 -21.46 5.03
N MET A 564 30.41 -20.53 4.37
CA MET A 564 30.14 -20.21 2.97
C MET A 564 30.67 -21.29 2.04
N LEU A 565 31.80 -21.90 2.41
CA LEU A 565 32.36 -23.00 1.65
C LEU A 565 31.39 -24.18 1.68
N THR A 566 30.81 -24.44 2.86
CA THR A 566 29.88 -25.54 3.01
C THR A 566 28.65 -25.27 2.13
N ASP A 567 28.10 -24.05 2.20
CA ASP A 567 26.95 -23.69 1.38
C ASP A 567 27.25 -23.82 -0.11
N THR A 568 28.47 -23.43 -0.53
CA THR A 568 28.85 -23.48 -1.94
C THR A 568 28.78 -24.92 -2.44
N GLU A 569 29.23 -25.87 -1.60
CA GLU A 569 29.25 -27.27 -1.97
C GLU A 569 27.82 -27.82 -1.95
N ARG A 570 27.00 -27.35 -1.00
CA ARG A 570 25.59 -27.72 -0.97
C ARG A 570 24.95 -27.33 -2.30
N ARG A 571 25.20 -26.09 -2.76
CA ARG A 571 24.63 -25.58 -4.01
C ARG A 571 25.19 -26.31 -5.22
N ILE A 572 26.48 -26.67 -5.22
CA ILE A 572 27.04 -27.41 -6.35
C ILE A 572 26.31 -28.75 -6.48
N LYS A 573 26.10 -29.43 -5.34
CA LYS A 573 25.53 -30.77 -5.34
C LYS A 573 24.07 -30.69 -5.78
N ARG A 574 23.30 -29.81 -5.12
CA ARG A 574 21.87 -29.65 -5.41
C ARG A 574 21.66 -29.41 -6.91
N PHE A 575 22.58 -28.68 -7.55
CA PHE A 575 22.40 -28.31 -8.93
C PHE A 575 22.65 -29.50 -9.86
N LYS A 576 23.71 -30.27 -9.59
CA LYS A 576 24.03 -31.46 -10.36
C LYS A 576 22.90 -32.47 -10.22
N ASP A 577 22.38 -32.60 -8.99
CA ASP A 577 21.28 -33.51 -8.70
C ASP A 577 20.07 -33.09 -9.52
N ASP A 578 19.65 -31.82 -9.40
CA ASP A 578 18.47 -31.32 -10.08
C ASP A 578 18.56 -31.52 -11.59
N ARG A 579 19.75 -31.30 -12.19
CA ARG A 579 19.89 -31.48 -13.64
C ARG A 579 19.62 -32.95 -14.01
N ILE A 597 14.48 -25.87 -12.78
CA ILE A 597 15.58 -24.88 -12.64
C ILE A 597 15.08 -23.55 -13.22
N SER A 598 14.95 -22.53 -12.34
CA SER A 598 14.56 -21.18 -12.72
C SER A 598 15.79 -20.29 -12.86
N THR A 599 16.08 -19.80 -14.07
CA THR A 599 17.19 -18.86 -14.24
C THR A 599 16.95 -17.57 -13.45
N GLY A 600 15.69 -17.20 -13.25
CA GLY A 600 15.35 -16.10 -12.36
C GLY A 600 15.95 -16.32 -10.97
N LYS A 601 15.75 -17.53 -10.43
CA LYS A 601 16.25 -17.91 -9.12
C LYS A 601 17.78 -17.92 -9.14
N LEU A 602 18.39 -18.44 -10.23
CA LEU A 602 19.83 -18.44 -10.36
C LEU A 602 20.35 -17.00 -10.36
N ALA A 603 19.72 -16.13 -11.17
CA ALA A 603 20.19 -14.76 -11.33
C ALA A 603 20.04 -13.95 -10.04
N ASP A 604 19.05 -14.28 -9.21
CA ASP A 604 18.93 -13.65 -7.90
C ASP A 604 20.18 -13.99 -7.10
N PHE A 605 20.51 -15.29 -6.98
CA PHE A 605 21.68 -15.71 -6.22
C PHE A 605 22.92 -14.98 -6.72
N LEU A 606 23.13 -14.99 -8.04
CA LEU A 606 24.38 -14.49 -8.61
C LEU A 606 24.54 -12.99 -8.40
N ALA A 607 23.47 -12.21 -8.61
CA ALA A 607 23.56 -10.75 -8.48
C ALA A 607 23.86 -10.36 -7.04
N LYS A 608 23.19 -10.99 -6.06
CA LYS A 608 23.45 -10.72 -4.65
C LYS A 608 24.93 -11.00 -4.32
N ASP A 609 25.42 -12.14 -4.81
CA ASP A 609 26.74 -12.60 -4.44
C ASP A 609 27.82 -11.75 -5.10
N ILE A 610 27.59 -11.36 -6.37
CA ILE A 610 28.56 -10.56 -7.10
C ILE A 610 28.75 -9.24 -6.36
N VAL A 611 27.67 -8.66 -5.85
CA VAL A 611 27.76 -7.38 -5.15
C VAL A 611 28.34 -7.61 -3.75
N LEU A 612 27.96 -8.70 -3.09
CA LEU A 612 28.55 -9.06 -1.80
C LEU A 612 30.07 -9.06 -1.89
N PHE A 613 30.62 -9.63 -2.95
CA PHE A 613 32.06 -9.78 -3.06
C PHE A 613 32.70 -8.55 -3.68
N GLN A 614 31.91 -7.56 -4.09
CA GLN A 614 32.51 -6.35 -4.63
C GLN A 614 33.08 -5.52 -3.48
N PRO A 615 34.41 -5.22 -3.43
CA PRO A 615 34.96 -4.34 -2.42
C PRO A 615 34.34 -2.95 -2.44
N SER A 616 34.16 -2.37 -1.23
CA SER A 616 33.66 -1.02 -1.08
C SER A 616 34.85 -0.06 -0.94
N VAL A 617 34.72 1.12 -1.54
CA VAL A 617 35.64 2.25 -1.33
C VAL A 617 34.78 3.51 -1.28
N ASN A 618 35.35 4.61 -0.76
CA ASN A 618 34.74 5.93 -0.80
C ASN A 618 33.31 5.87 -0.28
N ASP A 619 33.15 5.43 0.98
CA ASP A 619 31.86 5.36 1.65
C ASP A 619 30.85 4.53 0.83
N GLY A 620 31.35 3.57 0.04
CA GLY A 620 30.49 2.65 -0.70
C GLY A 620 29.94 3.23 -2.00
N GLU A 621 30.52 4.35 -2.47
CA GLU A 621 29.99 5.05 -3.64
C GLU A 621 30.35 4.34 -4.94
N ASN A 622 31.20 3.30 -4.88
CA ASN A 622 31.70 2.65 -6.08
C ASN A 622 30.88 1.41 -6.43
N LYS A 623 30.05 0.91 -5.52
CA LYS A 623 29.38 -0.36 -5.74
C LYS A 623 28.15 -0.16 -6.62
N ILE A 624 27.58 -1.27 -7.12
CA ILE A 624 26.55 -1.23 -8.15
C ILE A 624 25.29 -0.62 -7.54
N THR A 625 24.69 0.34 -8.25
CA THR A 625 23.53 1.08 -7.77
C THR A 625 22.25 0.38 -8.24
N GLY A 626 21.10 0.89 -7.80
CA GLY A 626 19.81 0.22 -7.93
C GLY A 626 19.44 -0.14 -9.37
N LEU A 627 19.41 0.86 -10.27
CA LEU A 627 19.06 0.59 -11.65
C LEU A 627 20.02 -0.45 -12.24
N ASN A 628 21.34 -0.20 -12.18
CA ASN A 628 22.30 -1.12 -12.76
C ASN A 628 22.20 -2.50 -12.15
N TYR A 629 21.87 -2.59 -10.86
CA TYR A 629 21.67 -3.88 -10.24
C TYR A 629 20.51 -4.60 -10.91
N ARG A 630 19.37 -3.93 -11.10
CA ARG A 630 18.20 -4.54 -11.74
C ARG A 630 18.57 -5.02 -13.15
N ILE A 631 19.35 -4.20 -13.88
CA ILE A 631 19.76 -4.58 -15.23
C ILE A 631 20.65 -5.82 -15.16
N MET A 632 21.69 -5.80 -14.31
CA MET A 632 22.60 -6.93 -14.23
C MET A 632 21.81 -8.21 -13.96
N GLN A 633 20.95 -8.18 -12.93
CA GLN A 633 20.23 -9.37 -12.54
C GLN A 633 19.37 -9.88 -13.70
N SER A 634 18.67 -8.97 -14.39
CA SER A 634 17.80 -9.37 -15.49
C SER A 634 18.62 -9.89 -16.67
N ALA A 635 19.67 -9.14 -17.04
CA ALA A 635 20.63 -9.59 -18.05
C ALA A 635 21.01 -11.05 -17.82
N ILE A 636 21.37 -11.41 -16.58
CA ILE A 636 21.80 -12.78 -16.29
C ILE A 636 20.63 -13.72 -16.53
N ALA A 637 19.46 -13.43 -15.92
CA ALA A 637 18.29 -14.30 -16.00
C ALA A 637 17.98 -14.70 -17.45
N VAL A 638 18.11 -13.78 -18.41
CA VAL A 638 17.74 -14.05 -19.80
C VAL A 638 18.95 -14.43 -20.66
N TYR A 639 20.17 -14.47 -20.11
CA TYR A 639 21.34 -14.67 -20.95
C TYR A 639 21.26 -16.07 -21.56
N ASP A 640 21.40 -16.13 -22.89
CA ASP A 640 21.47 -17.39 -23.61
C ASP A 640 22.02 -17.13 -25.01
N SER A 641 23.34 -17.04 -25.11
CA SER A 641 23.99 -17.01 -26.42
C SER A 641 23.66 -18.33 -27.10
N GLY A 642 23.62 -18.36 -28.43
CA GLY A 642 23.47 -19.63 -29.14
C GLY A 642 24.85 -20.16 -29.53
N ASP A 643 25.80 -20.09 -28.58
CA ASP A 643 27.21 -19.96 -28.90
C ASP A 643 27.38 -18.98 -30.07
N ASP A 644 26.80 -17.77 -29.90
CA ASP A 644 27.05 -16.63 -30.76
C ASP A 644 28.14 -15.80 -30.09
N TYR A 645 29.25 -15.59 -30.81
CA TYR A 645 30.45 -14.98 -30.24
C TYR A 645 30.11 -13.57 -29.73
N GLU A 646 29.45 -12.74 -30.56
CA GLU A 646 29.13 -11.38 -30.17
C GLU A 646 28.30 -11.37 -28.88
N ALA A 647 27.33 -12.29 -28.76
CA ALA A 647 26.46 -12.31 -27.59
C ALA A 647 27.27 -12.62 -26.33
N LYS A 648 28.28 -13.50 -26.47
CA LYS A 648 29.16 -13.82 -25.37
C LYS A 648 29.98 -12.59 -24.98
N GLN A 649 30.58 -11.92 -25.97
CA GLN A 649 31.34 -10.72 -25.72
C GLN A 649 30.47 -9.69 -24.98
N GLN A 650 29.23 -9.52 -25.45
CA GLN A 650 28.32 -8.53 -24.87
C GLN A 650 28.10 -8.83 -23.39
N PHE A 651 27.88 -10.12 -23.06
CA PHE A 651 27.62 -10.52 -21.69
C PHE A 651 28.83 -10.23 -20.79
N LYS A 652 30.03 -10.60 -21.26
CA LYS A 652 31.24 -10.33 -20.50
C LYS A 652 31.41 -8.83 -20.29
N LEU A 653 31.14 -8.03 -21.33
CA LEU A 653 31.39 -6.60 -21.31
C LEU A 653 30.64 -5.92 -20.16
N MET A 654 29.42 -6.40 -19.88
CA MET A 654 28.62 -5.83 -18.81
C MET A 654 29.43 -5.78 -17.50
N PHE A 655 30.15 -6.85 -17.17
CA PHE A 655 30.87 -6.93 -15.91
C PHE A 655 32.13 -6.07 -15.98
N GLU A 656 32.72 -5.91 -17.17
CA GLU A 656 33.82 -4.98 -17.36
C GLU A 656 33.33 -3.56 -17.03
N LYS A 657 32.14 -3.17 -17.54
CA LYS A 657 31.66 -1.80 -17.35
C LYS A 657 31.28 -1.55 -15.89
N ALA A 658 30.79 -2.58 -15.18
CA ALA A 658 30.55 -2.48 -13.75
C ALA A 658 31.86 -2.49 -12.95
N ARG A 659 33.01 -2.62 -13.63
CA ARG A 659 34.32 -2.55 -13.01
C ARG A 659 34.47 -3.68 -11.99
N LEU A 660 34.05 -4.90 -12.36
CA LEU A 660 34.17 -6.07 -11.51
C LEU A 660 35.30 -6.96 -12.01
N ILE A 661 35.49 -6.96 -13.33
CA ILE A 661 36.55 -7.68 -14.01
C ILE A 661 37.25 -6.66 -14.89
N GLY A 662 38.46 -7.01 -15.33
CA GLY A 662 39.17 -6.22 -16.31
C GLY A 662 40.46 -5.64 -15.73
N LYS A 663 41.38 -5.32 -16.65
CA LYS A 663 42.61 -4.62 -16.33
C LYS A 663 42.28 -3.17 -16.00
N GLY A 664 43.04 -2.59 -15.04
CA GLY A 664 42.85 -1.21 -14.63
C GLY A 664 41.73 -1.02 -13.62
N THR A 665 41.00 -2.11 -13.30
CA THR A 665 40.05 -2.10 -12.20
C THR A 665 40.84 -2.05 -10.90
N THR A 666 40.33 -1.29 -9.92
CA THR A 666 41.00 -1.09 -8.64
C THR A 666 40.30 -1.89 -7.53
N GLU A 667 38.97 -2.10 -7.64
CA GLU A 667 38.22 -2.86 -6.66
C GLU A 667 37.58 -4.09 -7.33
N PRO A 668 38.36 -5.02 -7.94
CA PRO A 668 37.72 -6.11 -8.67
C PRO A 668 37.05 -7.10 -7.72
N HIS A 669 36.03 -7.80 -8.22
CA HIS A 669 35.51 -8.97 -7.56
C HIS A 669 36.66 -9.97 -7.43
N PRO A 670 36.87 -10.66 -6.28
CA PRO A 670 38.06 -11.49 -6.10
C PRO A 670 38.21 -12.67 -7.05
N PHE A 671 37.11 -13.32 -7.50
CA PHE A 671 37.23 -14.53 -8.31
C PHE A 671 36.38 -14.53 -9.60
N LEU A 672 35.56 -13.49 -9.88
CA LEU A 672 34.66 -13.51 -11.02
C LEU A 672 35.43 -13.63 -12.34
N TYR A 673 36.60 -12.99 -12.41
CA TYR A 673 37.38 -12.98 -13.65
C TYR A 673 37.83 -14.39 -14.05
N LYS A 674 37.93 -15.31 -13.10
CA LYS A 674 38.29 -16.69 -13.41
C LYS A 674 37.15 -17.36 -14.18
N VAL A 675 35.91 -16.99 -13.86
CA VAL A 675 34.75 -17.50 -14.58
C VAL A 675 34.88 -17.23 -16.09
N PHE A 676 35.51 -16.12 -16.49
CA PHE A 676 35.61 -15.77 -17.90
C PHE A 676 36.98 -16.12 -18.50
N ALA A 677 37.91 -16.66 -17.70
CA ALA A 677 39.19 -17.12 -18.22
C ALA A 677 38.97 -18.33 -19.12
N ARG A 678 39.80 -18.43 -20.19
CA ARG A 678 39.74 -19.50 -21.18
C ARG A 678 38.56 -19.30 -22.12
N SER A 679 37.32 -19.25 -21.60
CA SER A 679 36.12 -19.16 -22.43
C SER A 679 34.98 -18.47 -21.68
N ILE A 680 34.08 -17.82 -22.43
CA ILE A 680 32.90 -17.20 -21.84
C ILE A 680 31.81 -18.26 -21.75
N PRO A 681 31.12 -18.43 -20.59
CA PRO A 681 29.98 -19.35 -20.52
C PRO A 681 28.86 -18.98 -21.49
N ALA A 682 28.16 -20.00 -22.00
CA ALA A 682 27.26 -19.82 -23.14
C ALA A 682 25.89 -19.31 -22.71
N ASN A 683 25.49 -19.60 -21.46
CA ASN A 683 24.16 -19.23 -20.98
C ASN A 683 24.17 -19.08 -19.46
N ALA A 684 23.04 -18.66 -18.88
CA ALA A 684 22.94 -18.43 -17.45
C ALA A 684 23.29 -19.70 -16.66
N VAL A 685 22.89 -20.87 -17.16
CA VAL A 685 23.07 -22.12 -16.44
C VAL A 685 24.57 -22.47 -16.42
N GLU A 686 25.25 -22.38 -17.57
CA GLU A 686 26.70 -22.55 -17.55
C GLU A 686 27.35 -21.53 -16.60
N PHE A 687 26.85 -20.30 -16.57
CA PHE A 687 27.48 -19.24 -15.79
C PHE A 687 27.36 -19.54 -14.29
N TYR A 688 26.18 -19.99 -13.85
CA TYR A 688 25.97 -20.34 -12.46
C TYR A 688 26.93 -21.45 -12.02
N GLU A 689 27.07 -22.50 -12.84
CA GLU A 689 27.95 -23.60 -12.51
C GLU A 689 29.38 -23.11 -12.33
N ARG A 690 29.89 -22.36 -13.33
CA ARG A 690 31.28 -21.92 -13.29
C ARG A 690 31.51 -20.96 -12.12
N TYR A 691 30.52 -20.10 -11.88
CA TYR A 691 30.59 -19.17 -10.76
C TYR A 691 30.78 -19.96 -9.46
N LEU A 692 30.02 -21.04 -9.24
CA LEU A 692 30.07 -21.78 -7.98
C LEU A 692 31.40 -22.53 -7.82
N ILE A 693 31.95 -23.04 -8.92
CA ILE A 693 33.24 -23.74 -8.86
C ILE A 693 34.31 -22.75 -8.45
N GLU A 694 34.32 -21.60 -9.11
CA GLU A 694 35.31 -20.57 -8.81
C GLU A 694 35.14 -20.06 -7.39
N ARG A 695 33.89 -19.97 -6.90
CA ARG A 695 33.65 -19.56 -5.53
C ARG A 695 34.28 -20.56 -4.57
N LYS A 696 34.10 -21.86 -4.86
CA LYS A 696 34.61 -22.94 -4.03
C LYS A 696 36.14 -22.86 -3.95
N PHE A 697 36.82 -22.57 -5.06
CA PHE A 697 38.28 -22.54 -5.07
C PHE A 697 38.79 -21.34 -4.26
N TYR A 698 38.08 -20.21 -4.35
CA TYR A 698 38.45 -19.01 -3.63
C TYR A 698 38.36 -19.26 -2.13
N LEU A 699 37.23 -19.81 -1.69
CA LEU A 699 36.98 -20.01 -0.26
C LEU A 699 37.88 -21.13 0.29
N THR A 700 38.22 -22.13 -0.53
CA THR A 700 39.12 -23.19 -0.08
C THR A 700 40.47 -22.58 0.22
N GLY A 701 41.00 -21.81 -0.73
CA GLY A 701 42.23 -21.07 -0.54
C GLY A 701 42.23 -20.31 0.79
N LEU A 702 41.13 -19.58 1.06
CA LEU A 702 41.03 -18.76 2.27
C LEU A 702 41.10 -19.67 3.50
N SER A 703 40.28 -20.73 3.53
CA SER A 703 40.28 -21.71 4.61
C SER A 703 41.68 -22.25 4.87
N ASN A 704 42.41 -22.59 3.81
CA ASN A 704 43.74 -23.15 3.94
C ASN A 704 44.72 -22.13 4.53
N GLU A 705 44.55 -20.84 4.21
CA GLU A 705 45.40 -19.80 4.76
C GLU A 705 45.07 -19.57 6.23
N ILE A 706 43.76 -19.59 6.57
CA ILE A 706 43.32 -19.50 7.95
C ILE A 706 43.94 -20.64 8.76
N LYS A 707 43.97 -21.86 8.20
CA LYS A 707 44.49 -23.03 8.89
C LYS A 707 46.00 -22.93 9.14
N LYS A 708 46.72 -22.18 8.29
CA LYS A 708 48.14 -21.91 8.52
C LYS A 708 48.33 -20.77 9.54
N GLY A 709 47.23 -20.26 10.12
CA GLY A 709 47.30 -19.20 11.10
C GLY A 709 47.48 -17.82 10.47
N ASN A 710 47.40 -17.73 9.13
CA ASN A 710 47.59 -16.46 8.43
C ASN A 710 46.32 -15.61 8.58
N ARG A 711 46.48 -14.31 8.33
CA ARG A 711 45.36 -13.38 8.32
C ARG A 711 44.83 -13.27 6.89
N VAL A 712 43.51 -13.43 6.74
CA VAL A 712 42.84 -13.28 5.46
C VAL A 712 41.84 -12.14 5.58
N ASP A 713 41.45 -11.55 4.44
CA ASP A 713 40.40 -10.55 4.38
C ASP A 713 39.38 -10.93 3.31
N VAL A 714 38.09 -10.69 3.61
CA VAL A 714 37.04 -10.83 2.61
C VAL A 714 36.43 -9.44 2.37
N PRO A 715 36.00 -9.10 1.13
CA PRO A 715 35.38 -7.81 0.84
C PRO A 715 34.32 -7.31 1.82
N PHE A 716 33.48 -8.22 2.32
CA PHE A 716 32.24 -7.85 3.00
C PHE A 716 32.43 -7.90 4.53
N ILE A 717 33.65 -8.12 5.02
CA ILE A 717 33.95 -7.93 6.43
C ILE A 717 35.01 -6.83 6.51
N ARG A 718 34.76 -5.84 7.37
CA ARG A 718 35.51 -4.60 7.36
C ARG A 718 35.94 -4.28 8.78
N ARG A 719 37.25 -4.27 9.00
CA ARG A 719 37.80 -4.29 10.35
C ARG A 719 37.56 -2.95 11.06
N ASP A 720 37.37 -1.88 10.29
CA ASP A 720 37.22 -0.54 10.85
C ASP A 720 35.81 -0.27 11.38
N GLN A 721 34.83 -1.17 11.18
CA GLN A 721 33.50 -0.98 11.74
C GLN A 721 33.51 -1.11 13.26
N ASN A 722 32.76 -0.24 13.96
CA ASN A 722 32.66 -0.18 15.42
C ASN A 722 32.33 -1.53 16.07
N LYS A 723 31.48 -2.32 15.42
CA LYS A 723 31.23 -3.72 15.77
C LYS A 723 32.47 -4.37 16.40
N TRP A 724 33.65 -4.09 15.84
CA TRP A 724 34.87 -4.83 16.17
C TRP A 724 35.70 -4.10 17.22
N LYS A 725 35.33 -2.87 17.60
CA LYS A 725 36.11 -2.09 18.53
C LYS A 725 35.46 -2.11 19.91
N THR A 726 36.23 -1.74 20.95
CA THR A 726 35.72 -1.58 22.30
C THR A 726 34.80 -0.36 22.35
N PRO A 727 33.60 -0.45 22.95
CA PRO A 727 32.79 0.74 23.17
C PRO A 727 33.32 1.67 24.26
N ALA A 728 33.19 2.99 24.03
CA ALA A 728 33.50 4.04 24.99
C ALA A 728 32.20 4.66 25.51
N MET A 729 32.19 5.10 26.78
CA MET A 729 31.00 5.67 27.41
C MET A 729 30.53 6.90 26.64
N LYS A 730 31.44 7.84 26.39
CA LYS A 730 31.10 9.16 25.86
C LYS A 730 30.65 9.04 24.40
N THR A 731 31.30 8.18 23.61
CA THR A 731 30.96 8.02 22.21
C THR A 731 29.59 7.35 22.08
N LEU A 732 29.31 6.40 22.97
CA LEU A 732 28.09 5.63 22.90
C LEU A 732 26.93 6.44 23.46
N GLY A 733 27.22 7.24 24.52
CA GLY A 733 26.28 8.22 25.03
C GLY A 733 25.68 9.06 23.90
N ARG A 734 26.54 9.58 23.02
CA ARG A 734 26.11 10.52 22.01
C ARG A 734 25.28 9.81 20.95
N ILE A 735 25.67 8.59 20.55
CA ILE A 735 24.93 7.84 19.54
C ILE A 735 23.54 7.53 20.06
N TYR A 736 23.45 7.13 21.34
CA TYR A 736 22.16 6.82 21.93
C TYR A 736 21.31 8.08 22.07
N SER A 737 21.89 9.24 22.41
CA SER A 737 21.07 10.44 22.58
C SER A 737 20.71 11.05 21.23
N GLU A 738 21.69 11.23 20.32
CA GLU A 738 21.49 12.12 19.19
C GLU A 738 21.10 11.36 17.92
N ASP A 739 21.66 10.16 17.69
CA ASP A 739 21.63 9.56 16.37
C ASP A 739 20.44 8.64 16.16
N LEU A 740 19.94 8.00 17.21
CA LEU A 740 18.95 6.95 17.05
C LEU A 740 17.70 7.36 17.81
N PRO A 741 16.52 6.78 17.51
CA PRO A 741 15.40 6.86 18.44
C PRO A 741 15.73 6.14 19.73
N VAL A 742 15.16 6.59 20.86
CA VAL A 742 15.19 5.77 22.07
C VAL A 742 14.45 4.46 21.80
N GLU A 743 15.11 3.31 22.06
CA GLU A 743 14.42 2.03 21.96
C GLU A 743 13.72 1.79 23.28
N LEU A 744 12.38 1.82 23.24
CA LEU A 744 11.64 1.79 24.50
C LEU A 744 11.68 0.37 25.02
N PRO A 745 11.76 0.17 26.36
CA PRO A 745 11.89 -1.17 26.92
C PRO A 745 10.58 -1.92 26.86
N ARG A 746 10.66 -3.24 26.91
CA ARG A 746 9.48 -4.06 27.15
C ARG A 746 9.16 -4.00 28.65
N GLN A 747 7.88 -4.17 28.98
CA GLN A 747 7.33 -4.10 30.33
C GLN A 747 7.39 -2.69 30.96
N MET A 748 7.30 -1.66 30.12
CA MET A 748 7.16 -0.29 30.59
C MET A 748 6.00 -0.11 31.57
N PHE A 749 4.82 -0.71 31.28
CA PHE A 749 3.57 -0.36 31.95
C PHE A 749 3.23 -1.34 33.07
N ASP A 750 4.07 -2.37 33.26
CA ASP A 750 3.78 -3.48 34.15
C ASP A 750 3.60 -3.06 35.60
N ASN A 751 4.54 -2.29 36.17
CA ASN A 751 4.44 -1.94 37.59
C ASN A 751 3.12 -1.24 37.87
N GLU A 752 2.75 -0.26 37.03
CA GLU A 752 1.53 0.49 37.26
C GLU A 752 0.30 -0.39 37.05
N ILE A 753 0.28 -1.18 35.97
CA ILE A 753 -0.82 -2.11 35.76
C ILE A 753 -0.97 -2.98 37.01
N LYS A 754 0.12 -3.58 37.52
CA LYS A 754 0.01 -4.52 38.62
C LYS A 754 -0.43 -3.85 39.92
N SER A 755 -0.05 -2.59 40.16
CA SER A 755 -0.46 -1.90 41.37
C SER A 755 -1.96 -1.65 41.36
N HIS A 756 -2.47 -1.25 40.19
CA HIS A 756 -3.90 -1.01 40.03
C HIS A 756 -4.65 -2.30 40.37
N LEU A 757 -4.28 -3.38 39.67
CA LEU A 757 -5.02 -4.64 39.74
C LEU A 757 -4.94 -5.21 41.16
N LYS A 758 -3.80 -5.05 41.83
CA LYS A 758 -3.67 -5.46 43.23
C LYS A 758 -4.74 -4.81 44.11
N SER A 759 -5.18 -3.59 43.79
CA SER A 759 -6.18 -2.89 44.58
C SER A 759 -7.61 -3.40 44.33
N LEU A 760 -7.85 -4.13 43.23
CA LEU A 760 -9.19 -4.62 42.92
C LEU A 760 -9.45 -5.89 43.72
N PRO A 761 -10.59 -6.01 44.47
CA PRO A 761 -10.84 -7.21 45.27
C PRO A 761 -11.09 -8.48 44.47
N GLN A 762 -11.55 -8.35 43.22
CA GLN A 762 -11.81 -9.51 42.38
C GLN A 762 -10.51 -10.20 41.98
N MET A 763 -9.37 -9.50 42.06
CA MET A 763 -8.09 -10.04 41.65
C MET A 763 -7.33 -10.59 42.86
N GLU A 764 -8.02 -10.87 43.99
CA GLU A 764 -7.36 -11.06 45.28
C GLU A 764 -6.44 -12.29 45.26
N GLY A 765 -6.85 -13.38 44.59
CA GLY A 765 -6.12 -14.64 44.67
C GLY A 765 -5.17 -14.85 43.48
N ILE A 766 -4.47 -13.79 43.06
CA ILE A 766 -3.52 -13.89 41.95
C ILE A 766 -2.12 -13.70 42.53
N ASP A 767 -1.20 -14.60 42.13
CA ASP A 767 0.20 -14.45 42.48
C ASP A 767 0.83 -13.46 41.49
N PHE A 768 0.95 -12.20 41.91
CA PHE A 768 1.48 -11.14 41.06
C PHE A 768 3.00 -11.28 40.87
N ASN A 769 3.66 -12.23 41.54
CA ASN A 769 5.07 -12.48 41.32
C ASN A 769 5.28 -13.44 40.13
N ASN A 770 4.23 -14.16 39.69
CA ASN A 770 4.28 -14.91 38.45
C ASN A 770 3.07 -14.57 37.59
N ALA A 771 3.02 -13.32 37.10
CA ALA A 771 1.87 -12.82 36.36
C ALA A 771 2.33 -11.80 35.32
N ASN A 772 2.34 -12.20 34.04
CA ASN A 772 2.70 -11.27 32.97
C ASN A 772 1.42 -10.57 32.51
N VAL A 773 1.56 -9.59 31.61
CA VAL A 773 0.43 -8.75 31.24
C VAL A 773 -0.51 -9.55 30.33
N THR A 774 0.00 -10.43 29.47
CA THR A 774 -0.87 -11.36 28.74
C THR A 774 -1.78 -12.10 29.73
N TYR A 775 -1.21 -12.64 30.81
CA TYR A 775 -1.97 -13.36 31.81
C TYR A 775 -3.03 -12.46 32.44
N LEU A 776 -2.63 -11.23 32.81
CA LEU A 776 -3.48 -10.35 33.62
C LEU A 776 -4.63 -9.77 32.81
N ILE A 777 -4.44 -9.51 31.50
CA ILE A 777 -5.57 -9.11 30.65
C ILE A 777 -6.65 -10.19 30.72
N ALA A 778 -6.28 -11.46 30.51
CA ALA A 778 -7.25 -12.54 30.57
C ALA A 778 -7.85 -12.66 31.97
N GLU A 779 -7.06 -12.49 33.04
CA GLU A 779 -7.64 -12.56 34.38
C GLU A 779 -8.60 -11.39 34.61
N TYR A 780 -8.29 -10.20 34.09
CA TYR A 780 -9.19 -9.07 34.17
C TYR A 780 -10.51 -9.37 33.48
N MET A 781 -10.47 -9.83 32.23
CA MET A 781 -11.68 -10.15 31.49
C MET A 781 -12.53 -11.12 32.30
N LYS A 782 -11.90 -12.17 32.85
CA LYS A 782 -12.64 -13.23 33.53
C LYS A 782 -13.18 -12.77 34.88
N ARG A 783 -12.35 -12.09 35.69
CA ARG A 783 -12.64 -11.89 37.10
C ARG A 783 -13.37 -10.59 37.39
N VAL A 784 -13.09 -9.53 36.61
CA VAL A 784 -13.69 -8.22 36.83
C VAL A 784 -14.88 -8.05 35.88
N LEU A 785 -14.84 -8.67 34.68
CA LEU A 785 -15.85 -8.40 33.66
C LEU A 785 -16.74 -9.59 33.33
N ASP A 786 -16.48 -10.79 33.89
CA ASP A 786 -17.24 -12.00 33.58
C ASP A 786 -17.30 -12.22 32.08
N ASP A 787 -16.16 -12.04 31.41
CA ASP A 787 -16.09 -12.20 29.97
C ASP A 787 -15.12 -13.34 29.68
N ASP A 788 -14.96 -13.69 28.40
CA ASP A 788 -13.95 -14.63 27.95
C ASP A 788 -13.66 -14.33 26.48
N PHE A 789 -12.65 -14.99 25.92
CA PHE A 789 -12.28 -14.78 24.54
C PHE A 789 -13.33 -15.36 23.61
N GLN A 790 -13.20 -15.06 22.31
CA GLN A 790 -14.11 -15.60 21.31
C GLN A 790 -14.02 -17.13 21.32
N THR A 791 -15.16 -17.80 21.17
CA THR A 791 -15.28 -19.25 21.20
C THR A 791 -14.28 -19.94 20.27
N PHE A 792 -13.94 -19.33 19.12
CA PHE A 792 -13.07 -20.02 18.17
C PHE A 792 -11.64 -20.15 18.66
N TYR A 793 -11.25 -19.61 19.82
CA TYR A 793 -9.92 -19.88 20.37
C TYR A 793 -9.91 -21.15 21.22
N GLN A 794 -11.06 -21.82 21.39
CA GLN A 794 -11.12 -23.09 22.09
C GLN A 794 -11.14 -24.27 21.11
N TRP A 795 -11.32 -24.00 19.81
CA TRP A 795 -11.45 -25.07 18.85
C TRP A 795 -10.14 -25.84 18.69
N ASN A 796 -10.25 -27.13 18.34
CA ASN A 796 -9.11 -28.01 18.20
C ASN A 796 -8.25 -27.57 17.02
N ARG A 797 -6.93 -27.75 17.14
CA ARG A 797 -6.01 -27.31 16.09
C ARG A 797 -5.10 -28.45 15.65
N ASN A 798 -4.58 -28.34 14.42
CA ASN A 798 -3.65 -29.29 13.85
C ASN A 798 -2.25 -28.70 13.66
N TYR A 799 -1.24 -29.51 14.05
CA TYR A 799 0.17 -29.19 13.85
C TYR A 799 0.93 -30.45 13.45
N ARG A 800 1.74 -30.35 12.38
CA ARG A 800 2.59 -31.48 11.98
C ARG A 800 3.37 -32.00 13.18
N TYR A 801 4.06 -31.12 13.93
CA TYR A 801 4.85 -31.54 15.07
C TYR A 801 4.03 -32.42 16.02
N MET A 802 2.76 -32.07 16.24
CA MET A 802 1.96 -32.82 17.19
C MET A 802 1.54 -34.16 16.57
N ASP A 803 1.34 -34.18 15.25
CA ASP A 803 1.18 -35.43 14.53
C ASP A 803 2.37 -36.35 14.79
N MET A 804 3.60 -35.87 14.56
CA MET A 804 4.81 -36.64 14.80
C MET A 804 4.84 -37.15 16.25
N LEU A 805 4.49 -36.30 17.22
CA LEU A 805 4.55 -36.68 18.62
C LEU A 805 3.45 -37.68 18.97
N LYS A 806 2.36 -37.71 18.18
CA LYS A 806 1.23 -38.56 18.52
C LYS A 806 1.45 -39.95 17.93
N GLY A 807 2.09 -39.99 16.74
CA GLY A 807 2.53 -41.24 16.14
C GLY A 807 1.35 -42.14 15.84
N GLU A 808 0.56 -41.75 14.82
CA GLU A 808 -0.59 -42.52 14.37
C GLU A 808 -0.61 -42.53 12.85
N TYR A 809 -0.72 -43.73 12.28
CA TYR A 809 -0.60 -43.93 10.85
C TYR A 809 -1.88 -44.56 10.32
N ASP A 810 -2.15 -44.32 9.03
CA ASP A 810 -3.28 -44.90 8.32
C ASP A 810 -2.90 -46.30 7.84
N ARG A 811 -3.79 -46.93 7.05
CA ARG A 811 -3.58 -48.28 6.51
C ARG A 811 -2.35 -48.30 5.60
N LYS A 812 -2.23 -47.31 4.71
CA LYS A 812 -1.13 -47.24 3.75
C LYS A 812 0.19 -46.84 4.45
N GLY A 813 0.11 -46.28 5.66
CA GLY A 813 1.28 -46.04 6.49
C GLY A 813 1.67 -44.55 6.55
N SER A 814 0.83 -43.66 6.02
CA SER A 814 1.03 -42.22 6.14
C SER A 814 0.66 -41.76 7.55
N LEU A 815 1.29 -40.64 7.98
CA LEU A 815 1.08 -40.03 9.28
C LEU A 815 -0.24 -39.26 9.27
N GLN A 816 -1.04 -39.43 10.33
CA GLN A 816 -2.38 -38.87 10.37
C GLN A 816 -2.32 -37.40 10.80
N HIS A 817 -3.25 -36.60 10.27
CA HIS A 817 -3.50 -35.24 10.73
C HIS A 817 -4.50 -35.28 11.88
N CYS A 818 -4.00 -35.13 13.12
CA CYS A 818 -4.84 -35.01 14.29
C CYS A 818 -5.24 -33.55 14.50
N PHE A 819 -6.41 -33.34 15.14
CA PHE A 819 -6.82 -32.05 15.69
C PHE A 819 -6.87 -32.20 17.20
N THR A 820 -5.97 -31.51 17.91
CA THR A 820 -5.84 -31.67 19.36
C THR A 820 -6.48 -30.48 20.07
N SER A 821 -6.81 -30.66 21.35
CA SER A 821 -7.11 -29.57 22.27
C SER A 821 -5.82 -29.05 22.89
N VAL A 822 -5.89 -27.91 23.59
CA VAL A 822 -4.70 -27.36 24.21
C VAL A 822 -4.24 -28.28 25.34
N GLU A 823 -5.20 -28.91 26.05
CA GLU A 823 -4.86 -29.85 27.12
C GLU A 823 -4.08 -31.03 26.53
N GLU A 824 -4.52 -31.56 25.38
CA GLU A 824 -3.82 -32.68 24.76
C GLU A 824 -2.37 -32.29 24.47
N ARG A 825 -2.20 -31.13 23.81
CA ARG A 825 -0.88 -30.66 23.42
C ARG A 825 0.01 -30.39 24.64
N GLU A 826 -0.54 -29.80 25.70
CA GLU A 826 0.22 -29.66 26.93
C GLU A 826 0.89 -30.99 27.28
N GLY A 827 0.12 -32.09 27.25
CA GLY A 827 0.59 -33.40 27.67
C GLY A 827 1.54 -34.04 26.65
N LEU A 828 1.27 -33.87 25.35
CA LEU A 828 2.21 -34.39 24.37
C LEU A 828 3.57 -33.70 24.58
N TRP A 829 3.55 -32.38 24.80
CA TRP A 829 4.76 -31.59 24.92
C TRP A 829 5.58 -32.05 26.12
N LYS A 830 4.94 -32.30 27.27
CA LYS A 830 5.63 -32.87 28.42
C LYS A 830 6.36 -34.17 28.05
N GLU A 831 5.80 -34.97 27.14
CA GLU A 831 6.33 -36.29 26.81
C GLU A 831 7.09 -36.27 25.49
N ARG A 832 7.59 -35.10 25.06
CA ARG A 832 8.13 -34.96 23.72
C ARG A 832 9.41 -35.77 23.52
N ALA A 833 10.21 -36.00 24.58
CA ALA A 833 11.49 -36.69 24.40
C ALA A 833 11.26 -38.15 23.99
N SER A 834 10.48 -38.89 24.80
CA SER A 834 10.14 -40.27 24.48
C SER A 834 9.50 -40.32 23.10
N ARG A 835 8.49 -39.46 22.88
CA ARG A 835 7.67 -39.53 21.68
C ARG A 835 8.49 -39.18 20.44
N THR A 836 9.49 -38.29 20.58
CA THR A 836 10.39 -37.98 19.47
C THR A 836 11.25 -39.19 19.14
N GLU A 837 11.69 -39.94 20.17
CA GLU A 837 12.46 -41.16 19.96
C GLU A 837 11.65 -42.10 19.07
N ARG A 838 10.43 -42.48 19.50
CA ARG A 838 9.57 -43.34 18.70
C ARG A 838 9.46 -42.79 17.28
N TYR A 839 9.22 -41.48 17.14
CA TYR A 839 8.92 -40.93 15.84
C TYR A 839 10.10 -41.21 14.91
N ARG A 840 11.32 -40.94 15.37
CA ARG A 840 12.52 -41.00 14.53
C ARG A 840 12.76 -42.44 14.09
N LYS A 841 12.71 -43.38 15.04
CA LYS A 841 12.84 -44.80 14.74
C LYS A 841 11.96 -45.18 13.54
N GLN A 842 10.65 -44.95 13.64
CA GLN A 842 9.73 -45.31 12.56
C GLN A 842 10.08 -44.55 11.28
N ALA A 843 10.36 -43.25 11.40
CA ALA A 843 10.54 -42.38 10.24
C ALA A 843 11.78 -42.78 9.44
N SER A 844 12.86 -43.15 10.15
CA SER A 844 14.09 -43.59 9.51
C SER A 844 13.86 -44.86 8.70
N ASN A 845 13.17 -45.85 9.29
CA ASN A 845 12.83 -47.07 8.58
C ASN A 845 12.13 -46.74 7.26
N LYS A 846 11.19 -45.77 7.30
CA LYS A 846 10.40 -45.40 6.14
C LYS A 846 11.25 -44.68 5.08
N ILE A 847 12.39 -44.08 5.46
CA ILE A 847 13.31 -43.55 4.46
C ILE A 847 14.00 -44.71 3.73
N ARG A 848 14.53 -45.71 4.46
CA ARG A 848 15.30 -46.79 3.86
C ARG A 848 14.40 -47.82 3.15
N SER A 849 13.08 -47.78 3.36
CA SER A 849 12.14 -48.55 2.57
C SER A 849 12.11 -48.06 1.12
N ASN A 850 12.18 -46.73 0.92
CA ASN A 850 12.16 -46.12 -0.41
C ASN A 850 13.51 -46.35 -1.10
N ARG A 851 13.45 -46.56 -2.43
CA ARG A 851 14.57 -47.08 -3.20
C ARG A 851 15.63 -46.00 -3.49
N GLN A 852 15.21 -44.73 -3.59
CA GLN A 852 16.13 -43.65 -3.93
C GLN A 852 17.15 -43.45 -2.81
N MET A 853 16.65 -43.33 -1.56
CA MET A 853 17.50 -43.19 -0.37
C MET A 853 17.52 -44.53 0.37
N ARG A 854 18.06 -45.57 -0.30
CA ARG A 854 18.11 -46.91 0.24
C ARG A 854 19.51 -47.17 0.83
N ASN A 855 20.55 -46.88 0.02
CA ASN A 855 21.94 -46.91 0.48
C ASN A 855 22.32 -45.50 0.94
N ALA A 856 21.78 -45.09 2.10
CA ALA A 856 22.00 -43.78 2.67
C ALA A 856 22.72 -43.91 4.01
N SER A 857 23.60 -42.94 4.31
CA SER A 857 24.45 -42.98 5.49
C SER A 857 23.62 -42.64 6.73
N SER A 858 24.11 -43.07 7.90
CA SER A 858 23.48 -42.77 9.19
C SER A 858 23.31 -41.26 9.35
N GLU A 859 24.33 -40.48 8.97
CA GLU A 859 24.30 -39.03 9.06
C GLU A 859 23.19 -38.47 8.17
N GLU A 860 23.16 -38.88 6.89
CA GLU A 860 22.22 -38.35 5.89
C GLU A 860 20.78 -38.43 6.41
N ILE A 861 20.38 -39.60 6.94
CA ILE A 861 19.03 -39.81 7.45
C ILE A 861 18.83 -38.97 8.71
N GLU A 862 19.77 -39.11 9.66
CA GLU A 862 19.70 -38.42 10.94
C GLU A 862 19.58 -36.91 10.70
N THR A 863 20.30 -36.39 9.70
CA THR A 863 20.24 -34.98 9.34
C THR A 863 18.86 -34.63 8.78
N ILE A 864 18.33 -35.46 7.88
CA ILE A 864 17.03 -35.19 7.26
C ILE A 864 15.97 -35.06 8.35
N LEU A 865 16.04 -35.93 9.38
CA LEU A 865 15.06 -35.96 10.44
C LEU A 865 15.26 -34.79 11.40
N ASP A 866 16.52 -34.56 11.81
CA ASP A 866 16.86 -33.40 12.62
C ASP A 866 16.15 -32.16 12.11
N LYS A 867 16.25 -31.87 10.81
CA LYS A 867 15.71 -30.65 10.24
C LYS A 867 14.19 -30.72 10.24
N ARG A 868 13.64 -31.91 9.97
CA ARG A 868 12.20 -32.11 9.95
C ARG A 868 11.60 -31.74 11.30
N LEU A 869 12.20 -32.23 12.39
CA LEU A 869 11.62 -32.05 13.71
C LEU A 869 11.85 -30.63 14.22
N SER A 870 13.04 -30.08 14.01
CA SER A 870 13.30 -28.70 14.41
C SER A 870 12.29 -27.78 13.75
N ASN A 871 12.18 -27.82 12.43
CA ASN A 871 11.34 -26.86 11.74
C ASN A 871 9.92 -26.99 12.26
N SER A 872 9.40 -28.21 12.31
CA SER A 872 8.05 -28.44 12.79
C SER A 872 7.86 -27.91 14.20
N ARG A 873 8.77 -28.27 15.12
CA ARG A 873 8.65 -27.83 16.50
C ARG A 873 8.65 -26.30 16.54
N ASN A 874 9.55 -25.66 15.81
CA ASN A 874 9.63 -24.20 15.85
C ASN A 874 8.34 -23.59 15.31
N GLU A 875 7.79 -24.15 14.23
CA GLU A 875 6.56 -23.63 13.68
C GLU A 875 5.48 -23.70 14.73
N TYR A 876 5.38 -24.83 15.45
CA TYR A 876 4.28 -25.03 16.38
C TYR A 876 4.40 -24.03 17.54
N GLN A 877 5.58 -23.92 18.12
CA GLN A 877 5.77 -23.06 19.28
C GLN A 877 5.43 -21.62 18.93
N LYS A 878 5.94 -21.09 17.81
CA LYS A 878 5.72 -19.70 17.44
C LYS A 878 4.23 -19.47 17.20
N SER A 879 3.59 -20.38 16.43
CA SER A 879 2.16 -20.29 16.14
C SER A 879 1.35 -20.22 17.43
N GLU A 880 1.63 -21.09 18.41
CA GLU A 880 0.85 -21.08 19.63
C GLU A 880 1.05 -19.78 20.40
N LYS A 881 2.28 -19.25 20.39
CA LYS A 881 2.58 -18.01 21.08
C LYS A 881 1.82 -16.85 20.44
N VAL A 882 1.81 -16.81 19.12
CA VAL A 882 1.17 -15.70 18.43
C VAL A 882 -0.34 -15.74 18.62
N ILE A 883 -0.96 -16.91 18.54
CA ILE A 883 -2.39 -17.00 18.76
C ILE A 883 -2.74 -16.51 20.18
N ARG A 884 -1.91 -16.82 21.19
CA ARG A 884 -2.17 -16.31 22.54
C ARG A 884 -2.12 -14.79 22.62
N ARG A 885 -1.36 -14.16 21.72
CA ARG A 885 -1.29 -12.71 21.63
C ARG A 885 -2.56 -12.19 20.97
N TYR A 886 -2.99 -12.86 19.89
CA TYR A 886 -4.22 -12.45 19.22
C TYR A 886 -5.35 -12.43 20.24
N ARG A 887 -5.39 -13.37 21.18
CA ARG A 887 -6.51 -13.40 22.13
C ARG A 887 -6.62 -12.09 22.90
N VAL A 888 -5.50 -11.66 23.50
CA VAL A 888 -5.53 -10.54 24.42
C VAL A 888 -5.60 -9.24 23.63
N GLN A 889 -5.05 -9.22 22.41
CA GLN A 889 -5.26 -8.10 21.51
C GLN A 889 -6.75 -7.91 21.22
N ASP A 890 -7.47 -8.99 20.93
CA ASP A 890 -8.90 -8.90 20.68
C ASP A 890 -9.65 -8.42 21.93
N ALA A 891 -9.25 -8.90 23.11
CA ALA A 891 -9.86 -8.42 24.34
C ALA A 891 -9.77 -6.89 24.39
N LEU A 892 -8.61 -6.34 23.99
CA LEU A 892 -8.38 -4.92 24.16
C LEU A 892 -9.15 -4.11 23.12
N LEU A 893 -9.21 -4.55 21.85
CA LEU A 893 -10.03 -3.87 20.85
C LEU A 893 -11.48 -3.87 21.30
N PHE A 894 -11.97 -5.01 21.76
CA PHE A 894 -13.34 -5.10 22.19
C PHE A 894 -13.57 -4.07 23.29
N LEU A 895 -12.69 -4.04 24.29
CA LEU A 895 -12.86 -3.13 25.43
C LEU A 895 -12.87 -1.68 24.95
N LEU A 896 -11.95 -1.29 24.08
CA LEU A 896 -11.88 0.10 23.64
C LEU A 896 -13.08 0.45 22.76
N ALA A 897 -13.41 -0.37 21.76
CA ALA A 897 -14.58 -0.12 20.94
C ALA A 897 -15.80 0.09 21.85
N LYS A 898 -16.01 -0.81 22.82
CA LYS A 898 -17.18 -0.76 23.67
C LYS A 898 -17.23 0.55 24.45
N LYS A 899 -16.06 1.06 24.84
CA LYS A 899 -15.97 2.30 25.58
C LYS A 899 -16.38 3.49 24.71
N THR A 900 -15.91 3.53 23.46
CA THR A 900 -16.30 4.58 22.52
C THR A 900 -17.82 4.61 22.37
N LEU A 901 -18.42 3.46 22.02
CA LEU A 901 -19.82 3.40 21.65
C LEU A 901 -20.71 3.64 22.87
N THR A 902 -20.27 3.19 24.06
CA THR A 902 -21.00 3.45 25.30
C THR A 902 -21.22 4.95 25.50
N GLU A 903 -20.18 5.75 25.27
CA GLU A 903 -20.25 7.20 25.48
C GLU A 903 -20.80 7.93 24.25
N LEU A 904 -21.39 7.20 23.27
CA LEU A 904 -22.05 7.79 22.12
C LEU A 904 -23.53 7.40 22.12
N ALA A 905 -24.33 8.17 21.36
CA ALA A 905 -25.56 7.71 20.72
C ALA A 905 -26.67 7.40 21.74
N ASP A 906 -27.86 7.07 21.22
CA ASP A 906 -28.94 6.46 22.00
C ASP A 906 -28.64 4.96 22.12
N PHE A 907 -27.65 4.65 22.97
CA PHE A 907 -27.04 3.33 23.04
C PHE A 907 -26.76 2.97 24.51
N ASP A 908 -26.90 1.68 24.82
CA ASP A 908 -26.41 1.09 26.05
C ASP A 908 -25.74 -0.23 25.70
N GLY A 909 -24.53 -0.47 26.23
CA GLY A 909 -23.77 -1.66 25.88
C GLY A 909 -22.97 -2.27 27.02
N GLU A 910 -23.35 -2.00 28.28
CA GLU A 910 -22.72 -2.63 29.45
C GLU A 910 -22.89 -4.16 29.39
N ARG A 911 -23.97 -4.65 28.74
CA ARG A 911 -24.28 -6.07 28.70
C ARG A 911 -23.37 -6.85 27.75
N PHE A 912 -22.70 -6.20 26.79
CA PHE A 912 -22.05 -6.92 25.70
C PHE A 912 -20.70 -7.47 26.12
N LYS A 913 -20.34 -8.63 25.52
CA LYS A 913 -19.21 -9.44 25.95
C LYS A 913 -18.50 -10.04 24.73
N LEU A 914 -17.17 -10.08 24.78
CA LEU A 914 -16.34 -10.62 23.72
C LEU A 914 -16.68 -12.09 23.43
N LYS A 915 -17.03 -12.86 24.48
CA LYS A 915 -17.39 -14.26 24.29
C LYS A 915 -18.54 -14.43 23.29
N GLU A 916 -19.44 -13.43 23.17
CA GLU A 916 -20.56 -13.52 22.24
C GLU A 916 -20.14 -13.24 20.78
N ILE A 917 -18.94 -12.71 20.53
CA ILE A 917 -18.58 -12.30 19.18
C ILE A 917 -18.24 -13.52 18.33
N MET A 918 -18.77 -13.55 17.09
CA MET A 918 -18.64 -14.65 16.16
C MET A 918 -18.67 -14.11 14.72
MG MG D . 11.53 -8.07 29.91
#